data_9IBP
#
_entry.id   9IBP
#
_cell.length_a   123.400
_cell.length_b   123.400
_cell.length_c   226.085
_cell.angle_alpha   90.000
_cell.angle_beta   90.000
_cell.angle_gamma   120.000
#
_symmetry.space_group_name_H-M   'H 3 2'
#
loop_
_entity.id
_entity.type
_entity.pdbx_description
1 polymer 'Immunogenic protein'
2 non-polymer GLYCEROL
3 non-polymer 'SULFATE ION'
4 water water
#
_entity_poly.entity_id   1
_entity_poly.type   'polypeptide(L)'
_entity_poly.pdbx_seq_one_letter_code
;TLLAAITSFGLIGGAYAAEERSYILATASTGGTYYPVGVALATLTKVKLTPSYHFSLSAISSAGSGENVKLMNDNEAQFA
ILQGLYGAWAWAGEGPYAERQNQLRSVSMLWQNVEHFIVRSDLAPTGTIADLASMKGKKFSIGSKNSGTEFSGRQIMKGV
GVDPDTFNLAYLGYGGSASALQNGTIDGMNTPAGVPVGAVTQAFAAMGNDIKILSFTDEQIKQANGNYNLWTKFDIPANT
YPGVDKTITTIAQPNFLAVRTDISEEDVYQLTKAMYENLAFLQGIHKATKDMAIEKAIEGLPMPLHAGAARYYQEVGIKI
PAHLMPQ
;
_entity_poly.pdbx_strand_id   A,B
#
loop_
_chem_comp.id
_chem_comp.type
_chem_comp.name
_chem_comp.formula
GOL non-polymer GLYCEROL 'C3 H8 O3'
SO4 non-polymer 'SULFATE ION' 'O4 S -2'
#
# COMPACT_ATOMS: atom_id res chain seq x y z
N GLU A 19 -10.12 -15.55 -15.22
CA GLU A 19 -10.31 -14.14 -14.89
C GLU A 19 -8.97 -13.44 -14.64
N GLU A 20 -8.90 -12.72 -13.53
CA GLU A 20 -7.71 -11.95 -13.20
C GLU A 20 -6.52 -12.87 -12.96
N ARG A 21 -5.36 -12.45 -13.45
CA ARG A 21 -4.09 -13.15 -13.26
C ARG A 21 -3.51 -12.63 -11.96
N SER A 22 -3.60 -13.42 -10.89
CA SER A 22 -3.22 -13.00 -9.55
CA SER A 22 -3.20 -12.98 -9.56
C SER A 22 -1.81 -13.53 -9.28
N TYR A 23 -0.80 -12.71 -9.54
CA TYR A 23 0.58 -13.14 -9.39
C TYR A 23 1.01 -13.05 -7.94
N ILE A 24 1.96 -13.93 -7.56
CA ILE A 24 2.52 -13.95 -6.22
C ILE A 24 3.95 -13.40 -6.27
N LEU A 25 4.25 -12.48 -5.34
CA LEU A 25 5.55 -11.79 -5.26
C LEU A 25 6.24 -12.22 -3.97
N ALA A 26 7.36 -12.93 -4.07
CA ALA A 26 8.02 -13.39 -2.83
C ALA A 26 9.01 -12.34 -2.34
N THR A 27 9.13 -12.19 -1.01
CA THR A 27 9.97 -11.14 -0.44
C THR A 27 10.99 -11.67 0.59
N ALA A 28 10.78 -11.42 1.89
CA ALA A 28 11.63 -12.01 2.93
C ALA A 28 10.86 -11.90 4.25
N SER A 29 11.59 -11.79 5.38
CA SER A 29 10.84 -11.78 6.64
C SER A 29 9.98 -10.51 6.78
N THR A 30 8.89 -10.61 7.54
CA THR A 30 8.04 -9.43 7.66
C THR A 30 8.69 -8.30 8.46
N GLY A 31 9.79 -8.55 9.15
CA GLY A 31 10.48 -7.51 9.89
C GLY A 31 11.57 -6.77 9.14
N GLY A 32 11.85 -7.10 7.88
CA GLY A 32 12.91 -6.46 7.13
C GLY A 32 12.40 -5.47 6.09
N THR A 33 13.22 -5.26 5.07
CA THR A 33 12.90 -4.27 4.04
C THR A 33 12.27 -4.88 2.80
N TYR A 34 12.65 -6.12 2.44
CA TYR A 34 12.06 -6.77 1.27
C TYR A 34 10.54 -6.79 1.35
N TYR A 35 10.01 -7.18 2.51
CA TYR A 35 8.56 -7.35 2.64
C TYR A 35 7.79 -6.05 2.38
N PRO A 36 8.04 -4.96 3.10
CA PRO A 36 7.27 -3.75 2.83
C PRO A 36 7.48 -3.15 1.44
N VAL A 37 8.68 -3.22 0.87
CA VAL A 37 8.85 -2.80 -0.53
C VAL A 37 8.00 -3.67 -1.46
N GLY A 38 7.98 -4.98 -1.21
CA GLY A 38 7.12 -5.86 -1.98
C GLY A 38 5.65 -5.50 -1.84
N VAL A 39 5.21 -5.22 -0.61
CA VAL A 39 3.85 -4.76 -0.38
C VAL A 39 3.56 -3.49 -1.17
N ALA A 40 4.53 -2.57 -1.21
CA ALA A 40 4.34 -1.33 -1.98
C ALA A 40 4.10 -1.62 -3.47
N LEU A 41 4.87 -2.53 -4.06
CA LEU A 41 4.64 -2.89 -5.46
C LEU A 41 3.29 -3.53 -5.64
N ALA A 42 2.95 -4.48 -4.77
CA ALA A 42 1.66 -5.15 -4.83
C ALA A 42 0.54 -4.13 -4.78
N THR A 43 0.65 -3.17 -3.85
CA THR A 43 -0.39 -2.14 -3.71
C THR A 43 -0.52 -1.29 -4.96
N LEU A 44 0.61 -0.86 -5.53
CA LEU A 44 0.58 -0.17 -6.80
C LEU A 44 -0.20 -0.96 -7.86
N THR A 45 0.04 -2.27 -7.98
CA THR A 45 -0.67 -3.02 -9.01
C THR A 45 -2.18 -3.08 -8.70
N LYS A 46 -2.56 -3.29 -7.43
CA LYS A 46 -3.97 -3.48 -7.12
C LYS A 46 -4.76 -2.19 -7.27
N VAL A 47 -4.14 -1.05 -6.92
CA VAL A 47 -4.84 0.22 -7.00
C VAL A 47 -4.86 0.78 -8.42
N LYS A 48 -3.72 0.69 -9.14
CA LYS A 48 -3.58 1.36 -10.43
C LYS A 48 -3.67 0.44 -11.64
N LEU A 49 -3.47 -0.87 -11.50
CA LEU A 49 -3.44 -1.73 -12.68
C LEU A 49 -4.58 -2.74 -12.75
N THR A 50 -4.92 -3.39 -11.65
CA THR A 50 -5.97 -4.41 -11.69
C THR A 50 -7.27 -3.99 -12.35
N PRO A 51 -7.84 -2.80 -12.12
CA PRO A 51 -9.14 -2.50 -12.76
C PRO A 51 -9.06 -2.46 -14.28
N SER A 52 -7.96 -1.95 -14.84
CA SER A 52 -7.83 -1.74 -16.28
C SER A 52 -7.10 -2.86 -17.01
N TYR A 53 -6.21 -3.58 -16.33
CA TYR A 53 -5.33 -4.55 -16.99
C TYR A 53 -5.51 -5.98 -16.50
N HIS A 54 -6.27 -6.19 -15.42
CA HIS A 54 -6.74 -7.52 -15.02
C HIS A 54 -5.62 -8.44 -14.56
N PHE A 55 -4.59 -7.90 -13.92
CA PHE A 55 -3.65 -8.71 -13.20
C PHE A 55 -3.30 -7.97 -11.92
N SER A 56 -2.77 -8.70 -10.95
CA SER A 56 -2.28 -8.08 -9.71
C SER A 56 -1.05 -8.84 -9.25
N LEU A 57 -0.26 -8.21 -8.38
CA LEU A 57 0.80 -8.87 -7.60
C LEU A 57 0.35 -8.83 -6.15
N SER A 58 0.62 -9.90 -5.40
CA SER A 58 0.37 -9.94 -3.96
C SER A 58 1.64 -10.44 -3.27
N ALA A 59 2.07 -9.71 -2.24
CA ALA A 59 3.35 -10.00 -1.59
C ALA A 59 3.18 -11.11 -0.55
N ILE A 60 4.13 -12.03 -0.52
CA ILE A 60 4.18 -13.03 0.55
C ILE A 60 5.56 -12.94 1.20
N SER A 61 5.59 -13.22 2.51
CA SER A 61 6.88 -13.35 3.20
C SER A 61 7.57 -14.66 2.83
N SER A 62 8.86 -14.74 3.14
CA SER A 62 9.69 -15.91 2.81
C SER A 62 10.96 -15.84 3.63
N ALA A 63 11.82 -16.83 3.43
CA ALA A 63 13.10 -16.76 4.13
C ALA A 63 14.13 -15.90 3.41
N GLY A 64 13.81 -15.31 2.26
CA GLY A 64 14.73 -14.43 1.55
C GLY A 64 15.13 -14.95 0.18
N SER A 65 16.25 -14.45 -0.38
CA SER A 65 16.53 -14.67 -1.80
C SER A 65 16.62 -16.16 -2.16
N GLY A 66 17.27 -16.94 -1.32
CA GLY A 66 17.45 -18.36 -1.65
C GLY A 66 16.13 -19.10 -1.77
N GLU A 67 15.24 -18.89 -0.78
CA GLU A 67 13.91 -19.48 -0.91
C GLU A 67 13.18 -18.89 -2.12
N ASN A 68 13.37 -17.59 -2.38
CA ASN A 68 12.60 -16.96 -3.45
C ASN A 68 12.92 -17.59 -4.81
N VAL A 69 14.18 -17.93 -5.04
CA VAL A 69 14.55 -18.60 -6.29
C VAL A 69 13.83 -19.94 -6.42
N LYS A 70 13.77 -20.72 -5.31
CA LYS A 70 13.05 -21.99 -5.33
CA LYS A 70 13.05 -21.99 -5.33
C LYS A 70 11.57 -21.79 -5.61
N LEU A 71 10.95 -20.81 -4.96
CA LEU A 71 9.53 -20.55 -5.17
C LEU A 71 9.25 -20.14 -6.61
N MET A 72 10.12 -19.29 -7.20
CA MET A 72 9.92 -18.94 -8.60
C MET A 72 10.07 -20.16 -9.50
N ASN A 73 11.12 -20.95 -9.27
CA ASN A 73 11.33 -22.13 -10.09
C ASN A 73 10.15 -23.08 -10.04
N ASP A 74 9.50 -23.20 -8.86
CA ASP A 74 8.38 -24.11 -8.74
C ASP A 74 7.05 -23.48 -9.08
N ASN A 75 7.02 -22.23 -9.53
CA ASN A 75 5.79 -21.50 -9.84
C ASN A 75 4.88 -21.29 -8.61
N GLU A 76 5.42 -21.38 -7.39
CA GLU A 76 4.70 -20.88 -6.24
C GLU A 76 4.74 -19.36 -6.17
N ALA A 77 5.74 -18.75 -6.79
CA ALA A 77 5.78 -17.29 -6.95
C ALA A 77 6.11 -17.00 -8.40
N GLN A 78 5.56 -15.88 -8.91
CA GLN A 78 5.87 -15.48 -10.28
C GLN A 78 6.84 -14.31 -10.33
N PHE A 79 7.00 -13.60 -9.22
CA PHE A 79 7.95 -12.49 -9.08
C PHE A 79 8.64 -12.65 -7.74
N ALA A 80 9.80 -11.99 -7.59
CA ALA A 80 10.41 -11.99 -6.26
C ALA A 80 11.34 -10.78 -6.18
N ILE A 81 11.62 -10.38 -4.96
CA ILE A 81 12.73 -9.46 -4.73
C ILE A 81 13.96 -10.29 -4.41
N LEU A 82 15.04 -10.07 -5.16
CA LEU A 82 16.28 -10.82 -5.00
C LEU A 82 17.44 -9.88 -4.69
N GLN A 83 18.36 -10.33 -3.85
CA GLN A 83 19.63 -9.61 -3.72
C GLN A 83 20.45 -9.84 -4.99
N GLY A 84 21.13 -8.78 -5.46
CA GLY A 84 21.92 -8.89 -6.69
C GLY A 84 22.82 -10.13 -6.73
N LEU A 85 23.52 -10.43 -5.63
CA LEU A 85 24.49 -11.52 -5.66
C LEU A 85 23.80 -12.85 -5.89
N TYR A 86 22.64 -13.07 -5.27
CA TYR A 86 21.91 -14.31 -5.51
C TYR A 86 21.50 -14.41 -6.97
N GLY A 87 21.12 -13.27 -7.56
CA GLY A 87 20.82 -13.26 -8.99
C GLY A 87 22.03 -13.56 -9.84
N ALA A 88 23.19 -13.02 -9.47
CA ALA A 88 24.42 -13.33 -10.21
C ALA A 88 24.75 -14.81 -10.16
N TRP A 89 24.66 -15.40 -8.97
CA TRP A 89 24.88 -16.82 -8.83
C TRP A 89 23.89 -17.62 -9.69
N ALA A 90 22.62 -17.23 -9.64
CA ALA A 90 21.59 -17.96 -10.38
C ALA A 90 21.87 -17.93 -11.88
N TRP A 91 22.28 -16.77 -12.40
CA TRP A 91 22.48 -16.66 -13.84
C TRP A 91 23.76 -17.36 -14.28
N ALA A 92 24.81 -17.27 -13.47
CA ALA A 92 26.08 -17.91 -13.79
C ALA A 92 26.05 -19.41 -13.54
N GLY A 93 25.05 -19.91 -12.82
CA GLY A 93 25.14 -21.31 -12.39
C GLY A 93 26.28 -21.52 -11.40
N GLU A 94 26.44 -20.61 -10.44
CA GLU A 94 27.54 -20.65 -9.48
C GLU A 94 26.98 -20.49 -8.05
N GLY A 95 27.88 -20.45 -7.06
CA GLY A 95 27.45 -20.31 -5.70
C GLY A 95 26.70 -21.56 -5.28
N PRO A 96 25.46 -21.42 -4.79
CA PRO A 96 24.67 -22.60 -4.44
C PRO A 96 24.13 -23.35 -5.64
N TYR A 97 24.22 -22.81 -6.84
CA TYR A 97 23.65 -23.43 -8.03
C TYR A 97 24.73 -24.15 -8.81
N ALA A 98 24.34 -25.24 -9.47
CA ALA A 98 25.25 -25.98 -10.34
C ALA A 98 24.99 -25.71 -11.82
N GLU A 99 23.89 -25.06 -12.14
CA GLU A 99 23.55 -24.71 -13.51
C GLU A 99 22.82 -23.39 -13.49
N ARG A 100 22.76 -22.75 -14.67
CA ARG A 100 21.99 -21.53 -14.79
C ARG A 100 20.52 -21.75 -14.46
N GLN A 101 19.94 -20.81 -13.71
CA GLN A 101 18.53 -20.82 -13.36
C GLN A 101 17.78 -20.08 -14.47
N ASN A 102 17.52 -20.81 -15.56
CA ASN A 102 17.06 -20.14 -16.77
C ASN A 102 15.59 -19.71 -16.73
N GLN A 103 14.86 -20.00 -15.65
CA GLN A 103 13.48 -19.54 -15.57
C GLN A 103 13.35 -18.11 -15.04
N LEU A 104 14.45 -17.47 -14.64
CA LEU A 104 14.42 -16.17 -13.97
C LEU A 104 14.91 -15.07 -14.91
N ARG A 105 14.27 -13.90 -14.87
CA ARG A 105 14.77 -12.70 -15.56
C ARG A 105 14.63 -11.50 -14.63
N SER A 106 15.30 -10.38 -14.97
CA SER A 106 15.18 -9.18 -14.15
C SER A 106 14.12 -8.22 -14.68
N VAL A 107 13.63 -7.32 -13.80
CA VAL A 107 12.72 -6.24 -14.17
C VAL A 107 13.32 -4.87 -13.86
N SER A 108 13.73 -4.65 -12.60
CA SER A 108 14.18 -3.32 -12.17
C SER A 108 14.91 -3.40 -10.85
N MET A 109 15.92 -2.55 -10.66
CA MET A 109 16.44 -2.26 -9.32
C MET A 109 15.32 -1.60 -8.51
N LEU A 110 15.24 -1.97 -7.23
CA LEU A 110 14.28 -1.37 -6.29
C LEU A 110 14.94 -0.51 -5.24
N TRP A 111 16.06 -0.95 -4.71
CA TRP A 111 16.91 -0.06 -3.93
C TRP A 111 18.31 -0.64 -3.90
N GLN A 112 19.26 0.16 -3.42
CA GLN A 112 20.68 -0.22 -3.53
C GLN A 112 21.23 -0.63 -2.18
N ASN A 113 21.82 -1.81 -2.14
CA ASN A 113 22.53 -2.29 -0.95
C ASN A 113 23.94 -1.72 -1.02
N VAL A 114 24.25 -0.78 -0.14
CA VAL A 114 25.51 -0.05 -0.18
C VAL A 114 26.48 -0.69 0.80
N GLU A 115 27.67 -1.03 0.34
CA GLU A 115 28.61 -1.78 1.16
C GLU A 115 29.24 -0.86 2.19
N HIS A 116 29.27 -1.32 3.44
CA HIS A 116 29.85 -0.56 4.54
C HIS A 116 30.79 -1.51 5.28
N PHE A 117 32.06 -1.56 4.87
CA PHE A 117 33.10 -2.26 5.65
C PHE A 117 33.76 -1.24 6.56
N ILE A 118 33.56 -1.37 7.86
CA ILE A 118 33.94 -0.34 8.81
C ILE A 118 34.96 -0.93 9.76
N VAL A 119 36.08 -0.23 9.98
CA VAL A 119 37.15 -0.74 10.84
C VAL A 119 37.64 0.40 11.73
N ARG A 120 38.31 0.03 12.82
CA ARG A 120 38.98 1.04 13.65
CA ARG A 120 38.98 1.05 13.63
C ARG A 120 39.96 1.83 12.78
N SER A 121 39.95 3.16 12.91
CA SER A 121 40.66 3.99 11.95
C SER A 121 42.15 3.74 11.97
N ASP A 122 42.69 3.40 13.13
CA ASP A 122 44.14 3.22 13.18
C ASP A 122 44.59 1.90 12.56
N LEU A 123 43.65 1.09 12.05
CA LEU A 123 43.94 -0.13 11.32
C LEU A 123 43.82 0.03 9.81
N ALA A 124 43.72 1.25 9.30
CA ALA A 124 43.42 1.49 7.89
C ALA A 124 44.56 2.29 7.25
N PRO A 125 45.68 1.66 6.88
CA PRO A 125 46.81 2.47 6.34
C PRO A 125 46.57 3.06 4.96
N THR A 126 45.65 2.51 4.15
CA THR A 126 45.30 3.17 2.89
C THR A 126 43.94 3.83 2.94
N GLY A 127 43.05 3.39 3.82
CA GLY A 127 41.67 3.80 3.82
C GLY A 127 40.78 2.98 2.93
N THR A 128 41.33 1.99 2.22
CA THR A 128 40.56 1.22 1.25
C THR A 128 40.31 -0.18 1.74
N ILE A 129 39.46 -0.90 0.98
CA ILE A 129 39.07 -2.26 1.32
C ILE A 129 40.28 -3.19 1.42
N ALA A 130 41.39 -2.85 0.76
CA ALA A 130 42.60 -3.69 0.87
C ALA A 130 43.13 -3.74 2.32
N ASP A 131 42.78 -2.76 3.15
CA ASP A 131 43.22 -2.75 4.54
C ASP A 131 42.64 -3.91 5.34
N LEU A 132 41.62 -4.61 4.83
CA LEU A 132 41.18 -5.79 5.57
C LEU A 132 42.31 -6.80 5.71
N ALA A 133 43.28 -6.78 4.80
CA ALA A 133 44.34 -7.79 4.83
C ALA A 133 45.29 -7.55 5.99
N SER A 134 45.46 -6.29 6.38
CA SER A 134 46.29 -5.97 7.52
C SER A 134 45.64 -6.38 8.84
N MET A 135 44.37 -6.77 8.81
CA MET A 135 43.56 -7.07 9.99
C MET A 135 43.30 -8.57 10.23
N LYS A 136 44.02 -9.45 9.55
CA LYS A 136 43.92 -10.89 9.83
C LYS A 136 44.24 -11.20 11.28
N GLY A 137 43.55 -12.21 11.82
CA GLY A 137 43.72 -12.59 13.20
C GLY A 137 42.95 -11.75 14.19
N LYS A 138 42.24 -10.72 13.74
CA LYS A 138 41.48 -9.84 14.62
C LYS A 138 40.00 -10.19 14.56
N LYS A 139 39.25 -9.76 15.58
CA LYS A 139 37.82 -10.01 15.62
C LYS A 139 37.09 -9.11 14.64
N PHE A 140 36.27 -9.71 13.80
CA PHE A 140 35.54 -8.98 12.78
C PHE A 140 34.17 -9.61 12.63
N SER A 141 33.12 -8.78 12.62
CA SER A 141 31.77 -9.30 12.46
C SER A 141 31.40 -9.28 10.99
N ILE A 142 31.25 -10.48 10.42
CA ILE A 142 30.92 -10.58 9.01
C ILE A 142 29.42 -10.57 8.75
N GLY A 143 28.59 -10.62 9.79
CA GLY A 143 27.15 -10.63 9.66
C GLY A 143 26.53 -11.90 10.26
N SER A 144 25.19 -11.91 10.29
CA SER A 144 24.48 -13.07 10.81
C SER A 144 24.84 -14.33 10.02
N LYS A 145 24.94 -15.47 10.72
CA LYS A 145 25.29 -16.71 10.05
C LYS A 145 24.24 -17.10 9.03
N ASN A 146 24.70 -17.41 7.81
CA ASN A 146 23.87 -17.79 6.67
C ASN A 146 23.01 -16.65 6.16
N SER A 147 23.30 -15.40 6.53
CA SER A 147 22.54 -14.29 5.99
C SER A 147 23.10 -13.88 4.63
N GLY A 148 22.29 -13.10 3.91
CA GLY A 148 22.81 -12.46 2.71
C GLY A 148 24.03 -11.61 3.01
N THR A 149 24.07 -11.01 4.20
CA THR A 149 25.20 -10.15 4.60
C THR A 149 26.48 -10.96 4.74
N GLU A 150 26.42 -12.13 5.39
CA GLU A 150 27.61 -12.99 5.46
C GLU A 150 28.11 -13.34 4.06
N PHE A 151 27.18 -13.74 3.18
CA PHE A 151 27.55 -14.19 1.84
C PHE A 151 28.13 -13.06 0.99
N SER A 152 27.57 -11.85 1.07
CA SER A 152 28.15 -10.78 0.28
C SER A 152 29.50 -10.34 0.85
N GLY A 153 29.66 -10.36 2.18
CA GLY A 153 30.96 -10.04 2.77
C GLY A 153 32.03 -11.02 2.34
N ARG A 154 31.70 -12.32 2.38
CA ARG A 154 32.67 -13.32 1.92
C ARG A 154 32.98 -13.16 0.45
N GLN A 155 31.98 -12.87 -0.38
CA GLN A 155 32.19 -12.74 -1.82
C GLN A 155 33.15 -11.59 -2.14
N ILE A 156 32.92 -10.43 -1.51
CA ILE A 156 33.76 -9.26 -1.76
C ILE A 156 35.19 -9.52 -1.26
N MET A 157 35.33 -10.06 -0.05
CA MET A 157 36.66 -10.28 0.50
C MET A 157 37.46 -11.24 -0.36
N LYS A 158 36.86 -12.35 -0.78
CA LYS A 158 37.56 -13.25 -1.67
C LYS A 158 37.99 -12.54 -2.95
N GLY A 159 37.14 -11.65 -3.47
CA GLY A 159 37.51 -10.94 -4.69
C GLY A 159 38.72 -10.05 -4.51
N VAL A 160 38.85 -9.41 -3.36
CA VAL A 160 40.03 -8.56 -3.13
C VAL A 160 41.18 -9.38 -2.52
N GLY A 161 41.03 -10.69 -2.48
CA GLY A 161 42.15 -11.55 -2.13
C GLY A 161 42.37 -11.76 -0.66
N VAL A 162 41.33 -11.62 0.16
CA VAL A 162 41.44 -11.79 1.60
C VAL A 162 40.53 -12.95 2.00
N ASP A 163 41.10 -13.99 2.59
CA ASP A 163 40.32 -15.13 3.07
C ASP A 163 39.59 -14.73 4.34
N PRO A 164 38.25 -14.66 4.35
CA PRO A 164 37.53 -14.25 5.57
C PRO A 164 37.81 -15.14 6.76
N ASP A 165 38.02 -16.43 6.53
CA ASP A 165 38.29 -17.31 7.66
C ASP A 165 39.67 -17.09 8.29
N THR A 166 40.48 -16.17 7.77
CA THR A 166 41.72 -15.87 8.47
C THR A 166 41.53 -14.76 9.50
N PHE A 167 40.33 -14.17 9.55
CA PHE A 167 39.92 -13.37 10.69
CA PHE A 167 39.91 -13.38 10.68
C PHE A 167 39.38 -14.28 11.79
N ASN A 168 39.23 -13.70 12.98
CA ASN A 168 38.46 -14.33 14.05
C ASN A 168 37.02 -13.87 13.87
N LEU A 169 36.25 -14.63 13.10
CA LEU A 169 34.95 -14.13 12.65
C LEU A 169 33.92 -14.19 13.78
N ALA A 170 33.15 -13.10 13.92
CA ALA A 170 31.93 -13.07 14.71
C ALA A 170 30.74 -12.94 13.78
N TYR A 171 29.61 -13.47 14.20
CA TYR A 171 28.42 -13.53 13.36
C TYR A 171 27.30 -12.78 14.07
N LEU A 172 27.40 -11.46 14.08
CA LEU A 172 26.47 -10.60 14.78
C LEU A 172 25.59 -9.85 13.79
N GLY A 173 24.37 -9.55 14.23
CA GLY A 173 23.46 -8.75 13.44
C GLY A 173 23.92 -7.32 13.36
N TYR A 174 23.06 -6.48 12.78
CA TYR A 174 23.45 -5.07 12.56
C TYR A 174 23.60 -4.34 13.89
N GLY A 175 22.63 -4.48 14.78
CA GLY A 175 22.73 -3.82 16.07
C GLY A 175 23.78 -4.44 16.96
N GLY A 176 23.88 -5.78 16.96
CA GLY A 176 24.92 -6.43 17.73
C GLY A 176 26.32 -6.02 17.27
N SER A 177 26.52 -5.91 15.96
CA SER A 177 27.82 -5.49 15.44
C SER A 177 28.17 -4.08 15.90
N ALA A 178 27.23 -3.13 15.72
CA ALA A 178 27.47 -1.77 16.16
C ALA A 178 27.81 -1.70 17.65
N SER A 179 27.09 -2.44 18.49
CA SER A 179 27.38 -2.38 19.92
C SER A 179 28.73 -3.00 20.24
N ALA A 180 29.08 -4.11 19.58
CA ALA A 180 30.37 -4.74 19.82
C ALA A 180 31.51 -3.82 19.39
N LEU A 181 31.35 -3.14 18.26
CA LEU A 181 32.35 -2.17 17.82
C LEU A 181 32.50 -1.07 18.85
N GLN A 182 31.38 -0.54 19.35
CA GLN A 182 31.43 0.53 20.34
CA GLN A 182 31.42 0.52 20.34
C GLN A 182 32.08 0.06 21.63
N ASN A 183 31.81 -1.18 22.05
CA ASN A 183 32.39 -1.73 23.27
C ASN A 183 33.81 -2.22 23.10
N GLY A 184 34.35 -2.21 21.89
CA GLY A 184 35.72 -2.65 21.67
C GLY A 184 35.91 -4.15 21.56
N THR A 185 34.85 -4.93 21.44
CA THR A 185 35.00 -6.39 21.40
C THR A 185 35.18 -6.93 19.98
N ILE A 186 34.98 -6.09 18.95
CA ILE A 186 35.38 -6.38 17.57
C ILE A 186 36.11 -5.16 17.05
N ASP A 187 36.89 -5.38 15.99
CA ASP A 187 37.67 -4.31 15.36
C ASP A 187 37.11 -3.84 14.03
N GLY A 188 36.08 -4.49 13.50
CA GLY A 188 35.49 -4.07 12.24
C GLY A 188 34.21 -4.85 12.05
N MET A 189 33.36 -4.33 11.15
CA MET A 189 32.08 -4.98 10.86
C MET A 189 31.71 -4.77 9.40
N ASN A 190 30.79 -5.62 8.93
CA ASN A 190 30.33 -5.66 7.54
C ASN A 190 28.82 -5.44 7.61
N THR A 191 28.35 -4.23 7.35
CA THR A 191 26.92 -3.89 7.52
C THR A 191 26.33 -3.19 6.30
N PRO A 192 26.06 -3.94 5.25
CA PRO A 192 25.51 -3.34 4.02
C PRO A 192 23.99 -3.18 4.08
N ALA A 193 23.51 -2.05 3.55
CA ALA A 193 22.06 -1.89 3.44
C ALA A 193 21.78 -0.60 2.68
N GLY A 194 20.51 -0.24 2.55
CA GLY A 194 20.18 1.08 2.02
C GLY A 194 20.69 2.21 2.90
N VAL A 195 21.17 3.26 2.27
CA VAL A 195 21.71 4.40 2.99
C VAL A 195 20.58 5.32 3.44
N PRO A 196 20.60 5.82 4.68
CA PRO A 196 21.60 5.59 5.74
C PRO A 196 21.33 4.29 6.50
N VAL A 197 22.38 3.56 6.85
CA VAL A 197 22.27 2.31 7.58
C VAL A 197 22.18 2.62 9.07
N GLY A 198 21.10 2.18 9.73
CA GLY A 198 20.91 2.55 11.12
C GLY A 198 22.07 2.19 12.01
N ALA A 199 22.62 0.97 11.84
CA ALA A 199 23.74 0.55 12.70
C ALA A 199 24.97 1.41 12.50
N VAL A 200 25.16 1.93 11.29
CA VAL A 200 26.31 2.78 11.02
C VAL A 200 26.09 4.16 11.62
N THR A 201 24.87 4.69 11.52
CA THR A 201 24.55 5.92 12.22
C THR A 201 24.87 5.81 13.72
N GLN A 202 24.43 4.71 14.34
CA GLN A 202 24.66 4.51 15.77
C GLN A 202 26.16 4.45 16.10
N ALA A 203 26.93 3.70 15.31
CA ALA A 203 28.36 3.57 15.57
C ALA A 203 29.10 4.91 15.43
N PHE A 204 28.84 5.66 14.35
CA PHE A 204 29.52 6.96 14.23
C PHE A 204 29.06 7.94 15.29
N ALA A 205 27.76 7.91 15.61
CA ALA A 205 27.27 8.77 16.69
C ALA A 205 28.02 8.54 17.98
N ALA A 206 28.43 7.30 18.25
CA ALA A 206 29.11 7.00 19.50
C ALA A 206 30.62 7.09 19.38
N MET A 207 31.19 6.82 18.21
CA MET A 207 32.63 6.67 18.06
C MET A 207 33.29 7.74 17.19
N GLY A 208 32.52 8.51 16.41
CA GLY A 208 33.15 9.54 15.61
C GLY A 208 34.20 8.96 14.69
N ASN A 209 35.31 9.67 14.54
CA ASN A 209 36.26 9.24 13.52
C ASN A 209 37.35 8.30 14.07
N ASP A 210 37.09 7.69 15.24
CA ASP A 210 37.81 6.48 15.67
C ASP A 210 37.51 5.26 14.79
N ILE A 211 36.45 5.29 13.98
CA ILE A 211 36.18 4.23 13.01
C ILE A 211 36.08 4.87 11.63
N LYS A 212 36.11 4.01 10.60
CA LYS A 212 36.21 4.48 9.22
C LYS A 212 35.52 3.49 8.31
N ILE A 213 34.71 4.03 7.38
CA ILE A 213 34.22 3.26 6.25
C ILE A 213 35.35 3.13 5.24
N LEU A 214 35.69 1.89 4.89
CA LEU A 214 36.71 1.63 3.88
C LEU A 214 36.19 1.87 2.46
N SER A 215 37.03 2.48 1.62
CA SER A 215 36.61 2.89 0.28
C SER A 215 37.02 1.83 -0.73
N PHE A 216 36.61 2.04 -1.99
CA PHE A 216 36.93 1.13 -3.08
C PHE A 216 37.49 1.94 -4.22
N THR A 217 38.73 1.67 -4.60
CA THR A 217 39.30 2.22 -5.83
C THR A 217 38.68 1.53 -7.05
N ASP A 218 38.98 2.06 -8.24
CA ASP A 218 38.41 1.45 -9.44
C ASP A 218 38.90 0.01 -9.63
N GLU A 219 40.16 -0.26 -9.31
CA GLU A 219 40.68 -1.63 -9.43
C GLU A 219 40.02 -2.56 -8.40
N GLN A 220 39.76 -2.05 -7.19
CA GLN A 220 39.10 -2.88 -6.18
C GLN A 220 37.65 -3.18 -6.54
N ILE A 221 36.98 -2.26 -7.27
CA ILE A 221 35.62 -2.54 -7.73
C ILE A 221 35.62 -3.70 -8.72
N LYS A 222 36.59 -3.72 -9.64
CA LYS A 222 36.73 -4.83 -10.57
C LYS A 222 37.02 -6.13 -9.83
N GLN A 223 37.85 -6.06 -8.81
CA GLN A 223 38.20 -7.24 -8.03
C GLN A 223 36.97 -7.78 -7.30
N ALA A 224 36.20 -6.90 -6.68
CA ALA A 224 35.01 -7.33 -5.96
C ALA A 224 34.03 -8.08 -6.86
N ASN A 225 33.90 -7.62 -8.11
CA ASN A 225 32.95 -8.20 -9.04
C ASN A 225 33.42 -9.53 -9.61
N GLY A 226 34.73 -9.71 -9.75
CA GLY A 226 35.23 -10.86 -10.52
C GLY A 226 34.61 -10.96 -11.91
N ASN A 227 33.97 -12.09 -12.22
CA ASN A 227 33.33 -12.27 -13.51
C ASN A 227 31.94 -11.62 -13.59
N TYR A 228 31.41 -11.08 -12.51
CA TYR A 228 30.09 -10.50 -12.49
C TYR A 228 30.12 -9.01 -12.82
N ASN A 229 28.96 -8.47 -13.17
CA ASN A 229 28.78 -7.04 -13.40
C ASN A 229 27.68 -6.54 -12.48
N LEU A 230 27.97 -6.51 -11.19
CA LEU A 230 26.94 -6.47 -10.16
C LEU A 230 27.09 -5.28 -9.23
N TRP A 231 28.27 -5.11 -8.64
CA TRP A 231 28.58 -3.96 -7.81
C TRP A 231 29.04 -2.81 -8.68
N THR A 232 28.55 -1.63 -8.38
CA THR A 232 29.01 -0.43 -9.08
C THR A 232 29.43 0.61 -8.08
N LYS A 233 30.24 1.58 -8.53
CA LYS A 233 30.68 2.68 -7.69
C LYS A 233 29.51 3.40 -7.05
N PHE A 234 29.61 3.67 -5.76
CA PHE A 234 28.54 4.39 -5.05
C PHE A 234 29.16 5.44 -4.14
N ASP A 235 28.83 6.71 -4.33
CA ASP A 235 29.35 7.76 -3.45
C ASP A 235 28.35 8.04 -2.33
N ILE A 236 28.74 7.78 -1.09
CA ILE A 236 27.89 8.12 0.06
C ILE A 236 27.96 9.62 0.24
N PRO A 237 26.85 10.35 0.19
CA PRO A 237 26.93 11.82 0.23
C PRO A 237 27.49 12.30 1.56
N ALA A 238 28.19 13.42 1.50
CA ALA A 238 28.66 14.06 2.71
C ALA A 238 27.47 14.29 3.64
N ASN A 239 27.73 14.24 4.95
CA ASN A 239 26.75 14.47 6.00
C ASN A 239 25.66 13.41 6.02
N THR A 240 25.95 12.22 5.48
CA THR A 240 25.00 11.12 5.67
C THR A 240 25.06 10.59 7.09
N TYR A 241 26.26 10.47 7.64
CA TYR A 241 26.49 9.91 8.96
C TYR A 241 27.06 10.96 9.89
N PRO A 242 26.76 10.86 11.23
CA PRO A 242 27.25 11.84 12.22
C PRO A 242 28.74 12.11 12.15
N GLY A 243 29.13 13.36 11.91
CA GLY A 243 30.53 13.73 11.88
C GLY A 243 31.29 13.39 10.61
N VAL A 244 30.69 12.66 9.67
CA VAL A 244 31.34 12.31 8.41
C VAL A 244 30.90 13.36 7.39
N ASP A 245 31.65 14.45 7.34
CA ASP A 245 31.33 15.61 6.51
CA ASP A 245 31.30 15.60 6.50
C ASP A 245 32.04 15.58 5.17
N LYS A 246 32.07 14.41 4.52
CA LYS A 246 32.74 14.27 3.23
C LYS A 246 32.11 13.10 2.50
N THR A 247 32.17 13.14 1.17
CA THR A 247 31.76 12.00 0.37
CA THR A 247 31.72 11.97 0.42
C THR A 247 32.71 10.82 0.59
N ILE A 248 32.19 9.60 0.46
CA ILE A 248 32.98 8.37 0.55
C ILE A 248 32.61 7.48 -0.62
N THR A 249 33.61 6.99 -1.35
CA THR A 249 33.37 6.11 -2.50
C THR A 249 33.40 4.68 -2.01
N THR A 250 32.25 4.01 -2.07
CA THR A 250 32.15 2.57 -1.83
C THR A 250 31.52 1.91 -3.04
N ILE A 251 30.91 0.73 -2.86
CA ILE A 251 30.20 0.05 -3.94
C ILE A 251 28.81 -0.32 -3.45
N ALA A 252 27.94 -0.58 -4.41
CA ALA A 252 26.56 -0.96 -4.11
C ALA A 252 26.12 -2.00 -5.11
N GLN A 253 25.24 -2.89 -4.68
CA GLN A 253 24.59 -3.84 -5.59
C GLN A 253 23.07 -3.67 -5.48
N PRO A 254 22.33 -4.00 -6.52
CA PRO A 254 20.87 -3.81 -6.46
C PRO A 254 20.15 -4.92 -5.70
N ASN A 255 19.16 -4.53 -4.91
CA ASN A 255 18.04 -5.42 -4.60
C ASN A 255 17.04 -5.20 -5.73
N PHE A 256 16.68 -6.27 -6.46
CA PHE A 256 15.93 -6.07 -7.70
C PHE A 256 14.70 -6.98 -7.77
N LEU A 257 13.74 -6.54 -8.58
CA LEU A 257 12.54 -7.32 -8.90
C LEU A 257 12.89 -8.30 -10.01
N ALA A 258 12.66 -9.59 -9.76
CA ALA A 258 12.83 -10.66 -10.72
C ALA A 258 11.45 -11.22 -11.11
N VAL A 259 11.36 -11.82 -12.31
CA VAL A 259 10.10 -12.39 -12.82
C VAL A 259 10.41 -13.70 -13.55
N ARG A 260 9.45 -14.63 -13.53
CA ARG A 260 9.61 -15.82 -14.37
C ARG A 260 9.60 -15.45 -15.85
N THR A 261 10.33 -16.23 -16.65
CA THR A 261 10.37 -15.99 -18.09
C THR A 261 9.00 -16.15 -18.75
N ASP A 262 8.14 -17.02 -18.24
CA ASP A 262 6.88 -17.30 -18.93
C ASP A 262 5.78 -16.32 -18.58
N ILE A 263 6.06 -15.29 -17.77
CA ILE A 263 5.02 -14.30 -17.51
C ILE A 263 4.80 -13.44 -18.74
N SER A 264 3.52 -13.12 -19.00
CA SER A 264 3.10 -12.30 -20.12
C SER A 264 3.96 -11.06 -20.30
N GLU A 265 4.47 -10.89 -21.53
CA GLU A 265 5.21 -9.67 -21.87
C GLU A 265 4.36 -8.42 -21.61
N GLU A 266 3.07 -8.46 -21.97
CA GLU A 266 2.23 -7.28 -21.77
C GLU A 266 2.10 -6.94 -20.30
N ASP A 267 1.93 -7.95 -19.44
CA ASP A 267 1.78 -7.66 -18.01
C ASP A 267 3.08 -7.09 -17.45
N VAL A 268 4.21 -7.63 -17.87
CA VAL A 268 5.47 -7.14 -17.32
C VAL A 268 5.73 -5.72 -17.81
N TYR A 269 5.36 -5.44 -19.06
CA TYR A 269 5.49 -4.07 -19.59
C TYR A 269 4.64 -3.09 -18.79
N GLN A 270 3.35 -3.43 -18.56
CA GLN A 270 2.48 -2.51 -17.84
C GLN A 270 2.97 -2.29 -16.42
N LEU A 271 3.47 -3.35 -15.79
CA LEU A 271 4.02 -3.23 -14.45
C LEU A 271 5.23 -2.30 -14.43
N THR A 272 6.18 -2.51 -15.37
CA THR A 272 7.38 -1.67 -15.38
C THR A 272 7.02 -0.21 -15.61
N LYS A 273 6.11 0.04 -16.55
CA LYS A 273 5.65 1.40 -16.83
C LYS A 273 4.99 2.02 -15.58
N ALA A 274 4.12 1.26 -14.93
CA ALA A 274 3.44 1.81 -13.73
C ALA A 274 4.44 2.17 -12.63
N MET A 275 5.46 1.32 -12.42
CA MET A 275 6.44 1.65 -11.39
C MET A 275 7.08 3.01 -11.66
N TYR A 276 7.49 3.24 -12.91
CA TYR A 276 8.24 4.46 -13.19
C TYR A 276 7.34 5.65 -13.40
N GLU A 277 6.06 5.44 -13.65
CA GLU A 277 5.10 6.53 -13.68
C GLU A 277 4.50 6.85 -12.31
N ASN A 278 4.84 6.07 -11.28
CA ASN A 278 4.25 6.24 -9.95
C ASN A 278 5.32 6.10 -8.87
N LEU A 279 6.52 6.63 -9.12
CA LEU A 279 7.56 6.50 -8.09
C LEU A 279 7.14 7.17 -6.78
N ALA A 280 6.43 8.31 -6.85
CA ALA A 280 6.08 8.96 -5.59
C ALA A 280 5.10 8.11 -4.78
N PHE A 281 4.22 7.37 -5.46
CA PHE A 281 3.31 6.42 -4.81
C PHE A 281 4.09 5.36 -4.04
N LEU A 282 5.09 4.76 -4.70
CA LEU A 282 5.92 3.74 -4.03
C LEU A 282 6.68 4.35 -2.86
N GLN A 283 7.25 5.54 -3.06
CA GLN A 283 8.09 6.17 -2.04
C GLN A 283 7.28 6.60 -0.82
N GLY A 284 5.98 6.89 -1.00
CA GLY A 284 5.12 7.19 0.13
C GLY A 284 4.73 5.98 0.96
N ILE A 285 4.95 4.76 0.44
CA ILE A 285 4.68 3.54 1.21
C ILE A 285 5.93 3.06 1.93
N HIS A 286 7.06 3.02 1.23
CA HIS A 286 8.31 2.71 1.93
C HIS A 286 9.47 3.49 1.31
N LYS A 287 10.19 4.21 2.18
CA LYS A 287 11.27 5.10 1.75
C LYS A 287 12.44 4.41 1.04
N ALA A 288 12.62 3.09 1.13
CA ALA A 288 13.75 2.49 0.43
C ALA A 288 13.67 2.74 -1.07
N THR A 289 12.45 2.84 -1.61
CA THR A 289 12.28 3.08 -3.04
C THR A 289 12.62 4.50 -3.43
N LYS A 290 12.98 5.38 -2.49
CA LYS A 290 13.56 6.65 -2.91
C LYS A 290 14.84 6.46 -3.72
N ASP A 291 15.49 5.29 -3.61
CA ASP A 291 16.64 4.96 -4.46
C ASP A 291 16.29 4.82 -5.94
N MET A 292 15.03 4.56 -6.27
CA MET A 292 14.67 4.22 -7.64
C MET A 292 14.75 5.46 -8.53
N ALA A 293 15.19 5.27 -9.77
CA ALA A 293 15.11 6.34 -10.74
C ALA A 293 15.29 5.72 -12.11
N ILE A 294 14.66 6.32 -13.13
CA ILE A 294 14.69 5.66 -14.44
C ILE A 294 16.13 5.49 -14.93
N GLU A 295 17.04 6.43 -14.62
CA GLU A 295 18.41 6.24 -15.08
C GLU A 295 19.21 5.23 -14.25
N LYS A 296 18.68 4.75 -13.11
CA LYS A 296 19.33 3.72 -12.30
C LYS A 296 18.63 2.38 -12.41
N ALA A 297 17.59 2.29 -13.23
CA ALA A 297 16.68 1.14 -13.23
C ALA A 297 17.41 -0.18 -13.50
N ILE A 298 18.43 -0.17 -14.37
CA ILE A 298 19.04 -1.42 -14.77
C ILE A 298 20.50 -1.52 -14.34
N GLU A 299 20.96 -0.61 -13.50
CA GLU A 299 22.37 -0.61 -13.13
C GLU A 299 22.67 -1.82 -12.25
N GLY A 300 23.71 -2.58 -12.61
CA GLY A 300 24.13 -3.72 -11.80
C GLY A 300 23.19 -4.92 -11.80
N LEU A 301 22.17 -4.93 -12.66
CA LEU A 301 21.30 -6.10 -12.70
C LEU A 301 22.11 -7.32 -13.12
N PRO A 302 21.93 -8.47 -12.46
CA PRO A 302 22.83 -9.62 -12.70
C PRO A 302 22.30 -10.64 -13.69
N MET A 303 21.12 -10.42 -14.26
CA MET A 303 20.55 -11.36 -15.20
C MET A 303 19.78 -10.56 -16.23
N PRO A 304 19.60 -11.09 -17.43
CA PRO A 304 18.96 -10.30 -18.49
C PRO A 304 17.53 -9.92 -18.18
N LEU A 305 17.12 -8.80 -18.74
CA LEU A 305 15.76 -8.30 -18.61
C LEU A 305 14.72 -9.22 -19.25
N HIS A 306 13.56 -9.32 -18.58
CA HIS A 306 12.35 -9.82 -19.24
C HIS A 306 12.02 -8.92 -20.44
N ALA A 307 11.53 -9.53 -21.52
CA ALA A 307 11.17 -8.75 -22.73
C ALA A 307 10.24 -7.58 -22.42
N GLY A 308 9.27 -7.76 -21.53
CA GLY A 308 8.32 -6.68 -21.28
C GLY A 308 8.96 -5.49 -20.59
N ALA A 309 9.92 -5.75 -19.68
CA ALA A 309 10.62 -4.64 -19.04
C ALA A 309 11.51 -3.92 -20.04
N ALA A 310 12.21 -4.68 -20.88
CA ALA A 310 13.05 -4.06 -21.91
C ALA A 310 12.25 -3.18 -22.84
N ARG A 311 11.02 -3.61 -23.20
CA ARG A 311 10.21 -2.78 -24.07
C ARG A 311 9.97 -1.39 -23.46
N TYR A 312 9.62 -1.34 -22.17
CA TYR A 312 9.39 -0.06 -21.53
C TYR A 312 10.65 0.80 -21.53
N TYR A 313 11.78 0.20 -21.14
CA TYR A 313 13.01 0.97 -21.01
C TYR A 313 13.44 1.56 -22.35
N GLN A 314 13.32 0.79 -23.42
CA GLN A 314 13.65 1.33 -24.74
C GLN A 314 12.65 2.40 -25.17
N GLU A 315 11.38 2.22 -24.81
CA GLU A 315 10.37 3.23 -25.13
C GLU A 315 10.71 4.60 -24.56
N VAL A 316 11.33 4.65 -23.37
CA VAL A 316 11.67 5.93 -22.77
C VAL A 316 13.13 6.29 -22.98
N GLY A 317 13.81 5.61 -23.89
CA GLY A 317 15.12 6.05 -24.32
C GLY A 317 16.30 5.54 -23.54
N ILE A 318 16.14 4.48 -22.75
CA ILE A 318 17.25 3.87 -22.03
C ILE A 318 18.00 2.98 -23.00
N LYS A 319 19.32 3.14 -23.03
CA LYS A 319 20.16 2.21 -23.78
C LYS A 319 20.40 0.98 -22.93
N ILE A 320 19.99 -0.20 -23.40
CA ILE A 320 20.21 -1.41 -22.59
C ILE A 320 21.54 -2.04 -23.00
N PRO A 321 22.44 -2.30 -22.06
CA PRO A 321 23.68 -3.02 -22.40
C PRO A 321 23.39 -4.37 -23.03
N ALA A 322 24.27 -4.79 -23.95
CA ALA A 322 24.09 -6.09 -24.60
C ALA A 322 23.82 -7.21 -23.59
N HIS A 323 24.58 -7.25 -22.49
CA HIS A 323 24.46 -8.39 -21.59
C HIS A 323 23.14 -8.40 -20.84
N LEU A 324 22.36 -7.32 -20.87
CA LEU A 324 21.02 -7.31 -20.23
C LEU A 324 19.89 -7.44 -21.24
N MET A 325 20.19 -7.52 -22.54
CA MET A 325 19.13 -7.63 -23.52
C MET A 325 18.43 -8.98 -23.37
N PRO A 326 17.11 -9.02 -23.63
CA PRO A 326 16.35 -10.25 -23.42
C PRO A 326 16.93 -11.44 -24.17
N GLN A 327 16.76 -12.61 -23.58
CA GLN A 327 17.42 -13.83 -24.01
C GLN A 327 16.52 -15.02 -23.73
N ALA B 18 7.05 -16.80 14.54
CA ALA B 18 6.12 -15.68 14.43
C ALA B 18 4.67 -16.17 14.55
N GLU B 19 3.96 -15.65 15.55
CA GLU B 19 2.55 -15.97 15.74
C GLU B 19 1.62 -15.02 14.99
N GLU B 20 2.07 -14.48 13.86
CA GLU B 20 1.34 -13.44 13.15
C GLU B 20 -0.11 -13.82 12.90
N ARG B 21 -1.02 -12.93 13.31
CA ARG B 21 -2.44 -13.10 13.05
C ARG B 21 -2.76 -12.37 11.75
N SER B 22 -3.08 -13.14 10.71
CA SER B 22 -3.33 -12.58 9.37
CA SER B 22 -3.34 -12.59 9.37
C SER B 22 -4.84 -12.50 9.17
N TYR B 23 -5.39 -11.30 9.33
CA TYR B 23 -6.82 -11.09 9.20
C TYR B 23 -7.20 -10.80 7.75
N ILE B 24 -8.43 -11.13 7.38
CA ILE B 24 -8.95 -10.89 6.05
C ILE B 24 -9.94 -9.73 6.12
N LEU B 25 -9.80 -8.79 5.18
CA LEU B 25 -10.67 -7.60 5.08
C LEU B 25 -11.48 -7.70 3.79
N ALA B 26 -12.82 -7.82 3.91
CA ALA B 26 -13.71 -7.92 2.73
C ALA B 26 -14.11 -6.53 2.22
N THR B 27 -14.16 -6.37 0.89
CA THR B 27 -14.32 -5.04 0.32
C THR B 27 -15.49 -5.03 -0.66
N ALA B 28 -15.20 -4.96 -1.96
CA ALA B 28 -16.24 -5.08 -2.99
C ALA B 28 -15.52 -5.37 -4.30
N SER B 29 -16.08 -4.91 -5.42
CA SER B 29 -15.45 -5.29 -6.68
C SER B 29 -14.13 -4.55 -6.90
N THR B 30 -13.20 -5.18 -7.67
CA THR B 30 -11.89 -4.56 -7.84
C THR B 30 -11.95 -3.25 -8.63
N GLY B 31 -13.00 -3.00 -9.38
CA GLY B 31 -13.14 -1.75 -10.10
C GLY B 31 -13.82 -0.59 -9.36
N GLY B 32 -14.18 -0.73 -8.09
CA GLY B 32 -14.83 0.31 -7.34
C GLY B 32 -13.92 0.99 -6.34
N THR B 33 -14.53 1.59 -5.31
CA THR B 33 -13.79 2.33 -4.29
C THR B 33 -13.50 1.51 -3.04
N TYR B 34 -14.39 0.60 -2.67
CA TYR B 34 -14.16 -0.19 -1.46
C TYR B 34 -12.85 -0.94 -1.54
N TYR B 35 -12.60 -1.56 -2.70
CA TYR B 35 -11.40 -2.40 -2.84
C TYR B 35 -10.11 -1.61 -2.64
N PRO B 36 -9.82 -0.52 -3.39
CA PRO B 36 -8.55 0.17 -3.18
C PRO B 36 -8.43 0.80 -1.80
N VAL B 37 -9.54 1.28 -1.23
CA VAL B 37 -9.46 1.79 0.15
C VAL B 37 -9.10 0.65 1.12
N GLY B 38 -9.69 -0.52 0.91
CA GLY B 38 -9.29 -1.68 1.72
C GLY B 38 -7.82 -2.06 1.54
N VAL B 39 -7.33 -2.01 0.29
CA VAL B 39 -5.91 -2.27 0.04
C VAL B 39 -5.05 -1.26 0.79
N ALA B 40 -5.49 0.00 0.83
CA ALA B 40 -4.74 1.02 1.56
C ALA B 40 -4.62 0.70 3.03
N LEU B 41 -5.73 0.31 3.64
CA LEU B 41 -5.69 -0.10 5.05
C LEU B 41 -4.80 -1.32 5.24
N ALA B 42 -4.96 -2.34 4.38
CA ALA B 42 -4.11 -3.53 4.47
C ALA B 42 -2.63 -3.17 4.37
N THR B 43 -2.29 -2.28 3.44
CA THR B 43 -0.90 -1.84 3.28
C THR B 43 -0.39 -1.14 4.53
N LEU B 44 -1.19 -0.24 5.07
CA LEU B 44 -0.83 0.39 6.33
C LEU B 44 -0.49 -0.64 7.41
N THR B 45 -1.33 -1.68 7.60
CA THR B 45 -1.01 -2.66 8.64
C THR B 45 0.28 -3.43 8.32
N LYS B 46 0.50 -3.80 7.06
CA LYS B 46 1.70 -4.60 6.77
C LYS B 46 3.00 -3.80 6.91
N VAL B 47 2.98 -2.53 6.54
CA VAL B 47 4.17 -1.71 6.55
C VAL B 47 4.46 -1.18 7.95
N LYS B 48 3.43 -0.79 8.70
CA LYS B 48 3.60 -0.10 9.98
C LYS B 48 3.33 -0.96 11.20
N LEU B 49 2.51 -2.00 11.09
CA LEU B 49 2.09 -2.73 12.28
C LEU B 49 2.62 -4.15 12.36
N THR B 50 2.64 -4.90 11.26
CA THR B 50 3.09 -6.28 11.32
C THR B 50 4.45 -6.46 11.97
N PRO B 51 5.48 -5.65 11.72
CA PRO B 51 6.79 -5.93 12.34
C PRO B 51 6.77 -5.95 13.86
N SER B 52 6.11 -4.98 14.48
CA SER B 52 6.14 -4.83 15.93
C SER B 52 4.96 -5.48 16.63
N TYR B 53 3.82 -5.58 15.96
CA TYR B 53 2.59 -6.02 16.60
C TYR B 53 2.09 -7.37 16.10
N HIS B 54 2.67 -7.90 15.02
CA HIS B 54 2.48 -9.29 14.59
C HIS B 54 1.04 -9.59 14.15
N PHE B 55 0.38 -8.63 13.53
CA PHE B 55 -0.85 -8.95 12.82
C PHE B 55 -0.88 -8.12 11.54
N SER B 56 -1.73 -8.53 10.61
CA SER B 56 -1.94 -7.75 9.38
C SER B 56 -3.39 -7.93 8.94
N LEU B 57 -3.85 -6.99 8.11
CA LEU B 57 -5.06 -7.15 7.30
C LEU B 57 -4.66 -7.34 5.84
N SER B 58 -5.40 -8.19 5.13
CA SER B 58 -5.25 -8.40 3.69
C SER B 58 -6.61 -8.25 3.06
N ALA B 59 -6.69 -7.41 2.03
CA ALA B 59 -7.97 -7.11 1.39
C ALA B 59 -8.32 -8.17 0.35
N ILE B 60 -9.60 -8.55 0.30
CA ILE B 60 -10.13 -9.42 -0.75
C ILE B 60 -11.32 -8.72 -1.38
N SER B 61 -11.53 -8.99 -2.67
CA SER B 61 -12.72 -8.44 -3.32
C SER B 61 -13.95 -9.25 -2.91
N SER B 62 -15.13 -8.69 -3.18
CA SER B 62 -16.38 -9.37 -2.87
C SER B 62 -17.52 -8.70 -3.64
N ALA B 63 -18.74 -9.16 -3.38
CA ALA B 63 -19.90 -8.54 -3.99
C ALA B 63 -20.36 -7.31 -3.25
N GLY B 64 -19.67 -6.89 -2.19
CA GLY B 64 -20.02 -5.70 -1.43
C GLY B 64 -20.66 -6.02 -0.09
N SER B 65 -21.40 -5.02 0.45
CA SER B 65 -21.79 -5.03 1.86
C SER B 65 -22.55 -6.29 2.27
N GLY B 66 -23.51 -6.72 1.45
CA GLY B 66 -24.32 -7.87 1.85
C GLY B 66 -23.49 -9.14 1.96
N GLU B 67 -22.65 -9.40 0.96
CA GLU B 67 -21.77 -10.55 1.06
C GLU B 67 -20.76 -10.38 2.19
N ASN B 68 -20.35 -9.14 2.44
CA ASN B 68 -19.36 -8.92 3.49
C ASN B 68 -19.88 -9.32 4.87
N VAL B 69 -21.14 -9.01 5.16
CA VAL B 69 -21.70 -9.41 6.45
C VAL B 69 -21.69 -10.93 6.59
N LYS B 70 -22.10 -11.62 5.52
CA LYS B 70 -22.05 -13.09 5.52
C LYS B 70 -20.64 -13.60 5.75
N LEU B 71 -19.66 -13.02 5.05
CA LEU B 71 -18.27 -13.47 5.20
C LEU B 71 -17.79 -13.25 6.63
N MET B 72 -18.12 -12.10 7.24
CA MET B 72 -17.73 -11.89 8.62
C MET B 72 -18.43 -12.87 9.56
N ASN B 73 -19.74 -13.08 9.38
CA ASN B 73 -20.47 -14.03 10.22
C ASN B 73 -19.90 -15.44 10.12
N ASP B 74 -19.41 -15.85 8.94
CA ASP B 74 -18.80 -17.16 8.76
C ASP B 74 -17.34 -17.20 9.19
N ASN B 75 -16.76 -16.09 9.63
CA ASN B 75 -15.33 -16.01 9.94
C ASN B 75 -14.45 -16.28 8.71
N GLU B 76 -14.98 -16.09 7.51
CA GLU B 76 -14.13 -16.04 6.31
C GLU B 76 -13.45 -14.69 6.20
N ALA B 77 -14.03 -13.68 6.82
CA ALA B 77 -13.42 -12.37 6.93
C ALA B 77 -13.55 -11.94 8.39
N GLN B 78 -12.58 -11.17 8.86
CA GLN B 78 -12.63 -10.61 10.21
C GLN B 78 -12.88 -9.11 10.24
N PHE B 79 -12.71 -8.44 9.11
CA PHE B 79 -13.03 -7.04 8.95
C PHE B 79 -13.75 -6.88 7.63
N ALA B 80 -14.45 -5.75 7.48
CA ALA B 80 -15.05 -5.45 6.19
C ALA B 80 -15.28 -3.97 6.09
N ILE B 81 -15.35 -3.48 4.85
CA ILE B 81 -15.92 -2.15 4.60
C ILE B 81 -17.40 -2.32 4.28
N LEU B 82 -18.27 -1.59 5.00
CA LEU B 82 -19.71 -1.65 4.80
C LEU B 82 -20.28 -0.26 4.54
N GLN B 83 -21.36 -0.22 3.74
CA GLN B 83 -22.12 1.02 3.68
C GLN B 83 -22.86 1.23 4.99
N GLY B 84 -22.91 2.48 5.47
CA GLY B 84 -23.61 2.76 6.72
C GLY B 84 -24.99 2.11 6.85
N LEU B 85 -25.84 2.23 5.81
CA LEU B 85 -27.17 1.66 5.87
C LEU B 85 -27.13 0.16 6.13
N TYR B 86 -26.25 -0.56 5.45
CA TYR B 86 -26.23 -2.01 5.66
C TYR B 86 -25.86 -2.32 7.09
N GLY B 87 -24.95 -1.54 7.67
CA GLY B 87 -24.63 -1.71 9.08
C GLY B 87 -25.80 -1.42 9.99
N ALA B 88 -26.61 -0.43 9.63
CA ALA B 88 -27.80 -0.14 10.44
C ALA B 88 -28.79 -1.28 10.36
N TRP B 89 -29.03 -1.81 9.15
CA TRP B 89 -29.90 -2.99 9.03
C TRP B 89 -29.39 -4.14 9.90
N ALA B 90 -28.07 -4.39 9.82
CA ALA B 90 -27.46 -5.49 10.58
C ALA B 90 -27.67 -5.31 12.08
N TRP B 91 -27.45 -4.09 12.58
CA TRP B 91 -27.52 -3.86 14.03
C TRP B 91 -28.96 -3.86 14.52
N ALA B 92 -29.89 -3.26 13.73
CA ALA B 92 -31.28 -3.22 14.13
C ALA B 92 -31.98 -4.54 13.91
N GLY B 93 -31.37 -5.48 13.17
CA GLY B 93 -32.15 -6.64 12.74
C GLY B 93 -33.30 -6.31 11.80
N GLU B 94 -33.03 -5.49 10.79
CA GLU B 94 -34.02 -4.93 9.88
C GLU B 94 -33.48 -5.08 8.45
N GLY B 95 -34.22 -4.56 7.45
CA GLY B 95 -33.76 -4.73 6.09
C GLY B 95 -33.85 -6.20 5.74
N PRO B 96 -32.76 -6.79 5.23
CA PRO B 96 -32.80 -8.23 4.92
C PRO B 96 -32.63 -9.11 6.12
N TYR B 97 -32.30 -8.55 7.29
CA TYR B 97 -32.01 -9.34 8.47
C TYR B 97 -33.26 -9.51 9.32
N ALA B 98 -33.42 -10.70 9.90
CA ALA B 98 -34.51 -10.98 10.82
C ALA B 98 -34.12 -10.76 12.28
N GLU B 99 -32.83 -10.63 12.57
CA GLU B 99 -32.38 -10.45 13.95
C GLU B 99 -31.08 -9.64 13.91
N ARG B 100 -30.69 -9.12 15.06
CA ARG B 100 -29.45 -8.36 15.15
C ARG B 100 -28.26 -9.25 14.77
N GLN B 101 -27.33 -8.70 13.99
CA GLN B 101 -26.09 -9.43 13.65
C GLN B 101 -25.06 -9.10 14.73
N ASN B 102 -25.11 -9.87 15.82
CA ASN B 102 -24.37 -9.50 17.01
C ASN B 102 -22.87 -9.77 16.91
N GLN B 103 -22.41 -10.41 15.85
CA GLN B 103 -20.98 -10.65 15.69
C GLN B 103 -20.22 -9.45 15.13
N LEU B 104 -20.91 -8.35 14.80
CA LEU B 104 -20.27 -7.21 14.12
C LEU B 104 -20.18 -5.99 15.03
N ARG B 105 -19.08 -5.23 14.92
CA ARG B 105 -18.92 -3.94 15.60
C ARG B 105 -18.28 -2.96 14.61
N SER B 106 -18.29 -1.66 14.93
CA SER B 106 -17.67 -0.67 14.07
C SER B 106 -16.27 -0.27 14.55
N VAL B 107 -15.49 0.30 13.61
CA VAL B 107 -14.16 0.83 13.92
C VAL B 107 -14.06 2.30 13.59
N SER B 108 -14.39 2.68 12.35
CA SER B 108 -14.10 4.03 11.88
C SER B 108 -14.80 4.31 10.56
N MET B 109 -15.29 5.53 10.39
CA MET B 109 -15.62 6.01 9.05
C MET B 109 -14.34 6.04 8.21
N LEU B 110 -14.49 5.68 6.92
CA LEU B 110 -13.41 5.73 5.93
C LEU B 110 -13.62 6.79 4.87
N TRP B 111 -14.83 6.96 4.35
CA TRP B 111 -15.20 8.14 3.55
C TRP B 111 -16.71 8.29 3.60
N GLN B 112 -17.19 9.45 3.16
CA GLN B 112 -18.61 9.74 3.29
C GLN B 112 -19.31 9.63 1.93
N ASN B 113 -20.45 8.96 1.93
CA ASN B 113 -21.38 8.98 0.80
C ASN B 113 -22.25 10.21 0.98
N VAL B 114 -21.98 11.21 0.18
CA VAL B 114 -22.76 12.44 0.22
C VAL B 114 -23.92 12.29 -0.76
N GLU B 115 -25.16 12.50 -0.27
CA GLU B 115 -26.31 12.24 -1.12
C GLU B 115 -26.44 13.34 -2.18
N HIS B 116 -26.56 12.93 -3.43
CA HIS B 116 -26.79 13.83 -4.55
C HIS B 116 -28.04 13.31 -5.29
N PHE B 117 -29.20 13.81 -4.94
CA PHE B 117 -30.42 13.58 -5.72
C PHE B 117 -30.57 14.76 -6.66
N ILE B 118 -30.38 14.52 -7.96
CA ILE B 118 -30.29 15.58 -8.96
C ILE B 118 -31.44 15.41 -9.93
N VAL B 119 -32.16 16.51 -10.24
CA VAL B 119 -33.31 16.46 -11.12
C VAL B 119 -33.25 17.66 -12.05
N ARG B 120 -33.95 17.57 -13.18
CA ARG B 120 -34.13 18.74 -14.03
CA ARG B 120 -34.11 18.75 -14.02
C ARG B 120 -34.72 19.87 -13.20
N SER B 121 -34.19 21.08 -13.39
CA SER B 121 -34.52 22.18 -12.48
C SER B 121 -36.00 22.54 -12.53
N ASP B 122 -36.67 22.37 -13.67
CA ASP B 122 -38.07 22.73 -13.73
C ASP B 122 -39.00 21.69 -13.11
N LEU B 123 -38.44 20.59 -12.60
CA LEU B 123 -39.18 19.59 -11.84
C LEU B 123 -39.03 19.74 -10.33
N ALA B 124 -38.45 20.84 -9.85
CA ALA B 124 -38.08 21.00 -8.44
C ALA B 124 -38.82 22.20 -7.85
N PRO B 125 -40.11 22.06 -7.54
CA PRO B 125 -40.87 23.24 -7.08
C PRO B 125 -40.47 23.74 -5.67
N THR B 126 -39.94 22.91 -4.78
CA THR B 126 -39.39 23.44 -3.52
C THR B 126 -37.87 23.52 -3.56
N GLY B 127 -37.22 22.70 -4.38
CA GLY B 127 -35.78 22.54 -4.32
C GLY B 127 -35.32 21.48 -3.33
N THR B 128 -36.24 20.82 -2.63
CA THR B 128 -35.87 19.83 -1.63
C THR B 128 -36.22 18.43 -2.12
N ILE B 129 -35.76 17.45 -1.34
CA ILE B 129 -35.94 16.04 -1.64
C ILE B 129 -37.41 15.67 -1.76
N ALA B 130 -38.31 16.42 -1.14
CA ALA B 130 -39.74 16.15 -1.27
C ALA B 130 -40.24 16.31 -2.71
N ASP B 131 -39.47 16.99 -3.55
CA ASP B 131 -39.91 17.18 -4.92
C ASP B 131 -39.98 15.87 -5.69
N LEU B 132 -39.29 14.82 -5.22
CA LEU B 132 -39.43 13.52 -5.86
C LEU B 132 -40.89 13.09 -5.91
N ALA B 133 -41.68 13.43 -4.88
CA ALA B 133 -43.10 13.04 -4.89
C ALA B 133 -43.87 13.70 -6.01
N SER B 134 -43.45 14.89 -6.41
CA SER B 134 -44.13 15.61 -7.50
C SER B 134 -43.75 15.06 -8.86
N MET B 135 -42.88 14.06 -8.91
CA MET B 135 -42.33 13.54 -10.15
C MET B 135 -42.74 12.11 -10.44
N LYS B 136 -43.85 11.64 -9.87
CA LYS B 136 -44.27 10.28 -10.16
C LYS B 136 -44.49 10.14 -11.66
N GLY B 137 -43.90 9.11 -12.25
CA GLY B 137 -44.10 8.81 -13.64
C GLY B 137 -42.94 9.22 -14.52
N LYS B 138 -42.15 10.19 -14.07
CA LYS B 138 -40.95 10.56 -14.79
C LYS B 138 -39.87 9.49 -14.58
N LYS B 139 -38.93 9.45 -15.52
CA LYS B 139 -37.86 8.45 -15.48
CA LYS B 139 -37.86 8.45 -15.48
C LYS B 139 -36.73 8.92 -14.56
N PHE B 140 -36.36 8.06 -13.60
CA PHE B 140 -35.38 8.44 -12.60
C PHE B 140 -34.38 7.31 -12.40
N SER B 141 -33.08 7.62 -12.47
CA SER B 141 -32.09 6.55 -12.26
C SER B 141 -31.80 6.37 -10.78
N ILE B 142 -32.18 5.21 -10.26
CA ILE B 142 -31.99 4.89 -8.85
C ILE B 142 -30.60 4.37 -8.54
N GLY B 143 -29.81 4.00 -9.56
CA GLY B 143 -28.54 3.31 -9.35
C GLY B 143 -28.52 1.93 -9.97
N SER B 144 -27.33 1.33 -9.99
CA SER B 144 -27.21 0.00 -10.57
C SER B 144 -28.03 -0.99 -9.76
N LYS B 145 -28.62 -1.97 -10.45
CA LYS B 145 -29.54 -2.91 -9.80
C LYS B 145 -28.82 -3.69 -8.70
N ASN B 146 -29.44 -3.71 -7.50
CA ASN B 146 -28.95 -4.42 -6.32
C ASN B 146 -27.68 -3.81 -5.72
N SER B 147 -27.34 -2.57 -6.08
CA SER B 147 -26.18 -1.90 -5.54
C SER B 147 -26.53 -1.19 -4.23
N GLY B 148 -25.48 -0.83 -3.46
CA GLY B 148 -25.70 0.03 -2.29
C GLY B 148 -26.37 1.35 -2.65
N THR B 149 -26.08 1.87 -3.83
CA THR B 149 -26.71 3.10 -4.30
C THR B 149 -28.23 2.92 -4.46
N GLU B 150 -28.67 1.82 -5.10
CA GLU B 150 -30.11 1.56 -5.17
C GLU B 150 -30.72 1.49 -3.78
N PHE B 151 -30.08 0.73 -2.88
CA PHE B 151 -30.68 0.53 -1.56
C PHE B 151 -30.77 1.81 -0.77
N SER B 152 -29.71 2.65 -0.80
CA SER B 152 -29.80 3.90 -0.05
C SER B 152 -30.81 4.84 -0.68
N GLY B 153 -30.92 4.83 -2.02
CA GLY B 153 -31.92 5.68 -2.66
C GLY B 153 -33.34 5.29 -2.24
N ARG B 154 -33.64 3.98 -2.30
CA ARG B 154 -34.94 3.53 -1.87
C ARG B 154 -35.21 3.89 -0.42
N GLN B 155 -34.20 3.72 0.45
CA GLN B 155 -34.41 3.98 1.86
C GLN B 155 -34.76 5.44 2.11
N ILE B 156 -34.01 6.36 1.48
CA ILE B 156 -34.27 7.78 1.66
C ILE B 156 -35.63 8.15 1.10
N MET B 157 -35.98 7.64 -0.09
CA MET B 157 -37.29 7.92 -0.68
C MET B 157 -38.43 7.49 0.25
N LYS B 158 -38.34 6.27 0.78
CA LYS B 158 -39.38 5.79 1.69
C LYS B 158 -39.51 6.69 2.90
N GLY B 159 -38.39 7.10 3.46
CA GLY B 159 -38.42 7.90 4.67
C GLY B 159 -39.11 9.24 4.49
N VAL B 160 -38.90 9.88 3.34
CA VAL B 160 -39.53 11.17 3.07
C VAL B 160 -40.88 11.04 2.39
N GLY B 161 -41.41 9.82 2.26
CA GLY B 161 -42.77 9.61 1.87
C GLY B 161 -43.01 9.34 0.40
N VAL B 162 -41.98 9.03 -0.37
CA VAL B 162 -42.06 8.71 -1.79
C VAL B 162 -41.93 7.21 -1.93
N ASP B 163 -42.88 6.58 -2.63
CA ASP B 163 -42.80 5.13 -2.81
C ASP B 163 -41.93 4.83 -4.03
N PRO B 164 -40.75 4.23 -3.88
CA PRO B 164 -39.89 4.01 -5.06
C PRO B 164 -40.45 3.00 -6.05
N ASP B 165 -41.33 2.09 -5.65
CA ASP B 165 -42.00 1.26 -6.63
C ASP B 165 -43.05 2.02 -7.49
N THR B 166 -43.00 3.36 -7.60
CA THR B 166 -43.97 4.11 -8.43
C THR B 166 -43.35 5.14 -9.37
N PHE B 167 -42.03 5.26 -9.41
CA PHE B 167 -41.34 5.93 -10.51
C PHE B 167 -41.12 4.94 -11.63
N ASN B 168 -40.96 5.46 -12.85
CA ASN B 168 -40.33 4.67 -13.88
C ASN B 168 -38.85 4.64 -13.52
N LEU B 169 -38.41 3.62 -12.79
CA LEU B 169 -37.04 3.58 -12.34
C LEU B 169 -36.15 3.00 -13.42
N ALA B 170 -34.98 3.63 -13.60
CA ALA B 170 -33.92 3.16 -14.48
C ALA B 170 -32.75 2.73 -13.60
N TYR B 171 -32.08 1.65 -13.98
CA TYR B 171 -31.00 1.09 -13.16
C TYR B 171 -29.66 1.36 -13.85
N LEU B 172 -29.20 2.61 -13.78
CA LEU B 172 -27.95 3.02 -14.42
C LEU B 172 -26.91 3.35 -13.36
N GLY B 173 -25.66 3.00 -13.67
CA GLY B 173 -24.53 3.35 -12.83
C GLY B 173 -24.24 4.84 -12.96
N TYR B 174 -23.09 5.23 -12.39
CA TYR B 174 -22.79 6.66 -12.23
C TYR B 174 -22.58 7.34 -13.57
N GLY B 175 -21.71 6.77 -14.41
CA GLY B 175 -21.48 7.35 -15.73
C GLY B 175 -22.70 7.25 -16.62
N GLY B 176 -23.40 6.11 -16.57
CA GLY B 176 -24.58 5.95 -17.39
C GLY B 176 -25.70 6.89 -16.97
N SER B 177 -25.84 7.11 -15.67
CA SER B 177 -26.81 8.09 -15.18
C SER B 177 -26.50 9.49 -15.71
N ALA B 178 -25.26 9.96 -15.54
CA ALA B 178 -24.92 11.29 -16.04
C ALA B 178 -25.15 11.42 -17.53
N SER B 179 -24.79 10.40 -18.30
CA SER B 179 -25.02 10.46 -19.74
C SER B 179 -26.51 10.51 -20.07
N ALA B 180 -27.32 9.69 -19.39
CA ALA B 180 -28.75 9.68 -19.68
C ALA B 180 -29.41 10.99 -19.28
N LEU B 181 -28.93 11.62 -18.22
CA LEU B 181 -29.45 12.93 -17.84
C LEU B 181 -29.14 13.96 -18.91
N GLN B 182 -27.91 13.94 -19.43
CA GLN B 182 -27.52 14.89 -20.48
C GLN B 182 -28.33 14.66 -21.76
N ASN B 183 -28.63 13.40 -22.08
CA ASN B 183 -29.38 13.04 -23.28
C ASN B 183 -30.86 13.23 -23.15
N GLY B 184 -31.36 13.50 -21.96
CA GLY B 184 -32.79 13.63 -21.76
C GLY B 184 -33.54 12.33 -21.61
N THR B 185 -32.86 11.18 -21.49
CA THR B 185 -33.62 9.94 -21.37
C THR B 185 -33.99 9.62 -19.93
N ILE B 186 -33.40 10.33 -18.96
CA ILE B 186 -33.87 10.36 -17.59
C ILE B 186 -34.02 11.82 -17.19
N ASP B 187 -34.88 12.06 -16.20
CA ASP B 187 -35.11 13.38 -15.65
C ASP B 187 -34.45 13.61 -14.30
N GLY B 188 -33.84 12.58 -13.72
CA GLY B 188 -33.16 12.73 -12.43
C GLY B 188 -32.32 11.50 -12.15
N MET B 189 -31.39 11.64 -11.21
CA MET B 189 -30.52 10.53 -10.83
C MET B 189 -30.12 10.60 -9.37
N ASN B 190 -29.77 9.45 -8.82
CA ASN B 190 -29.35 9.23 -7.44
C ASN B 190 -27.87 8.85 -7.51
N THR B 191 -26.95 9.76 -7.20
CA THR B 191 -25.51 9.48 -7.35
C THR B 191 -24.71 9.86 -6.11
N PRO B 192 -24.78 9.05 -5.06
CA PRO B 192 -24.01 9.36 -3.85
C PRO B 192 -22.59 8.85 -3.91
N ALA B 193 -21.68 9.67 -3.39
CA ALA B 193 -20.27 9.30 -3.28
C ALA B 193 -19.54 10.43 -2.58
N GLY B 194 -18.22 10.31 -2.43
CA GLY B 194 -17.45 11.39 -1.88
C GLY B 194 -17.41 12.62 -2.79
N VAL B 195 -17.39 13.78 -2.16
CA VAL B 195 -17.40 15.07 -2.86
C VAL B 195 -15.99 15.41 -3.32
N PRO B 196 -15.79 15.84 -4.59
CA PRO B 196 -16.79 16.03 -5.64
C PRO B 196 -17.09 14.71 -6.38
N VAL B 197 -18.36 14.40 -6.63
CA VAL B 197 -18.72 13.19 -7.36
C VAL B 197 -18.45 13.42 -8.84
N GLY B 198 -17.64 12.55 -9.46
CA GLY B 198 -17.27 12.77 -10.85
C GLY B 198 -18.45 12.87 -11.80
N ALA B 199 -19.43 11.97 -11.65
CA ALA B 199 -20.61 12.01 -12.51
C ALA B 199 -21.38 13.33 -12.36
N VAL B 200 -21.38 13.91 -11.17
CA VAL B 200 -22.06 15.18 -10.94
C VAL B 200 -21.27 16.34 -11.53
N THR B 201 -19.93 16.31 -11.41
CA THR B 201 -19.12 17.29 -12.11
C THR B 201 -19.40 17.26 -13.60
N GLN B 202 -19.45 16.05 -14.18
CA GLN B 202 -19.71 15.92 -15.61
C GLN B 202 -21.08 16.49 -15.98
N ALA B 203 -22.11 16.16 -15.20
CA ALA B 203 -23.47 16.59 -15.52
C ALA B 203 -23.61 18.12 -15.49
N PHE B 204 -23.06 18.77 -14.45
CA PHE B 204 -23.14 20.23 -14.38
C PHE B 204 -22.24 20.89 -15.41
N ALA B 205 -21.10 20.28 -15.72
CA ALA B 205 -20.25 20.87 -16.76
C ALA B 205 -20.97 20.93 -18.09
N ALA B 206 -21.85 19.97 -18.37
CA ALA B 206 -22.61 19.85 -19.61
C ALA B 206 -23.93 20.62 -19.57
N MET B 207 -24.62 20.64 -18.43
CA MET B 207 -25.99 21.14 -18.37
C MET B 207 -26.16 22.40 -17.54
N GLY B 208 -25.18 22.79 -16.72
CA GLY B 208 -25.32 24.00 -15.92
C GLY B 208 -26.54 23.94 -15.01
N ASN B 209 -27.20 25.08 -14.82
CA ASN B 209 -28.29 25.06 -13.86
CA ASN B 209 -28.33 25.19 -13.92
C ASN B 209 -29.63 24.64 -14.49
N ASP B 210 -29.58 23.93 -15.63
CA ASP B 210 -30.75 23.18 -16.09
C ASP B 210 -31.05 21.97 -15.21
N ILE B 211 -30.12 21.55 -14.36
CA ILE B 211 -30.35 20.54 -13.35
C ILE B 211 -30.05 21.15 -11.99
N LYS B 212 -30.46 20.45 -10.93
CA LYS B 212 -30.07 20.92 -9.61
C LYS B 212 -30.04 19.76 -8.61
N ILE B 213 -29.28 19.98 -7.54
CA ILE B 213 -29.14 19.04 -6.44
C ILE B 213 -30.25 19.39 -5.45
N LEU B 214 -31.08 18.42 -5.09
CA LEU B 214 -32.14 18.64 -4.11
C LEU B 214 -31.58 18.67 -2.69
N SER B 215 -32.11 19.60 -1.90
CA SER B 215 -31.61 19.84 -0.55
C SER B 215 -32.44 19.09 0.48
N PHE B 216 -31.98 19.12 1.74
CA PHE B 216 -32.68 18.47 2.84
C PHE B 216 -32.90 19.49 3.95
N THR B 217 -34.17 19.72 4.30
CA THR B 217 -34.51 20.48 5.49
C THR B 217 -34.25 19.64 6.73
N ASP B 218 -34.30 20.27 7.91
CA ASP B 218 -34.02 19.47 9.12
C ASP B 218 -35.08 18.37 9.33
N GLU B 219 -36.34 18.66 9.00
CA GLU B 219 -37.38 17.63 9.12
C GLU B 219 -37.12 16.49 8.17
N GLN B 220 -36.62 16.80 6.97
CA GLN B 220 -36.37 15.74 5.99
C GLN B 220 -35.16 14.91 6.39
N ILE B 221 -34.20 15.51 7.10
CA ILE B 221 -33.07 14.72 7.60
C ILE B 221 -33.57 13.67 8.59
N LYS B 222 -34.43 14.10 9.53
CA LYS B 222 -35.02 13.16 10.48
C LYS B 222 -35.82 12.08 9.77
N GLN B 223 -36.57 12.45 8.72
CA GLN B 223 -37.39 11.47 8.00
C GLN B 223 -36.51 10.45 7.27
N ALA B 224 -35.44 10.91 6.62
CA ALA B 224 -34.50 9.97 6.00
C ALA B 224 -33.98 8.94 7.00
N ASN B 225 -33.63 9.39 8.21
CA ASN B 225 -33.02 8.49 9.20
C ASN B 225 -34.01 7.51 9.81
N GLY B 226 -35.28 7.90 9.93
CA GLY B 226 -36.23 7.14 10.75
C GLY B 226 -35.69 6.84 12.15
N ASN B 227 -35.59 5.56 12.47
CA ASN B 227 -35.09 5.14 13.78
C ASN B 227 -33.57 5.10 13.87
N TYR B 228 -32.87 5.38 12.78
CA TYR B 228 -31.41 5.24 12.73
C TYR B 228 -30.76 6.60 12.98
N ASN B 229 -29.48 6.54 13.32
CA ASN B 229 -28.63 7.70 13.54
C ASN B 229 -27.50 7.62 12.52
N LEU B 230 -27.85 7.71 11.25
CA LEU B 230 -26.93 7.36 10.17
C LEU B 230 -26.54 8.55 9.29
N TRP B 231 -27.53 9.26 8.71
CA TRP B 231 -27.29 10.42 7.88
C TRP B 231 -27.19 11.67 8.74
N THR B 232 -26.23 12.54 8.41
CA THR B 232 -26.05 13.81 9.10
C THR B 232 -25.97 14.90 8.04
N LYS B 233 -26.35 16.11 8.46
CA LYS B 233 -26.32 17.28 7.58
C LYS B 233 -24.94 17.44 6.96
N PHE B 234 -24.92 17.78 5.67
CA PHE B 234 -23.65 17.96 4.96
C PHE B 234 -23.81 19.13 3.99
N ASP B 235 -23.07 20.22 4.22
CA ASP B 235 -23.16 21.37 3.31
C ASP B 235 -22.11 21.20 2.22
N ILE B 236 -22.56 21.12 0.98
CA ILE B 236 -21.62 21.10 -0.15
C ILE B 236 -21.10 22.51 -0.37
N PRO B 237 -19.78 22.76 -0.26
CA PRO B 237 -19.26 24.13 -0.37
C PRO B 237 -19.55 24.75 -1.73
N ALA B 238 -19.75 26.07 -1.74
CA ALA B 238 -19.87 26.81 -2.97
C ALA B 238 -18.72 26.46 -3.90
N ASN B 239 -19.00 26.45 -5.20
CA ASN B 239 -18.00 26.20 -6.25
C ASN B 239 -17.35 24.83 -6.15
N THR B 240 -18.07 23.88 -5.56
CA THR B 240 -17.65 22.48 -5.65
C THR B 240 -17.86 21.93 -7.06
N TYR B 241 -18.99 22.26 -7.68
CA TYR B 241 -19.42 21.80 -8.98
C TYR B 241 -19.49 22.98 -9.95
N PRO B 242 -19.20 22.74 -11.24
CA PRO B 242 -19.16 23.82 -12.24
C PRO B 242 -20.42 24.68 -12.26
N GLY B 243 -20.24 25.98 -12.06
CA GLY B 243 -21.35 26.92 -12.08
C GLY B 243 -22.27 26.88 -10.88
N VAL B 244 -22.01 26.03 -9.89
CA VAL B 244 -22.84 25.95 -8.68
C VAL B 244 -22.11 26.77 -7.62
N ASP B 245 -22.40 28.07 -7.60
CA ASP B 245 -21.64 29.04 -6.83
C ASP B 245 -22.26 29.34 -5.46
N LYS B 246 -22.92 28.37 -4.85
CA LYS B 246 -23.59 28.59 -3.58
C LYS B 246 -23.48 27.31 -2.79
N THR B 247 -23.60 27.43 -1.48
CA THR B 247 -23.65 26.23 -0.65
C THR B 247 -25.00 25.52 -0.81
N ILE B 248 -25.00 24.19 -0.71
CA ILE B 248 -26.23 23.38 -0.78
C ILE B 248 -26.22 22.41 0.39
N THR B 249 -27.33 22.37 1.14
CA THR B 249 -27.44 21.49 2.30
C THR B 249 -28.00 20.14 1.85
N THR B 250 -27.22 19.09 1.99
CA THR B 250 -27.70 17.74 1.73
C THR B 250 -27.39 16.92 2.99
N ILE B 251 -27.29 15.60 2.84
CA ILE B 251 -26.95 14.70 3.94
C ILE B 251 -25.86 13.74 3.48
N ALA B 252 -25.25 13.08 4.46
CA ALA B 252 -24.17 12.16 4.18
C ALA B 252 -24.22 11.02 5.18
N GLN B 253 -23.85 9.82 4.73
CA GLN B 253 -23.66 8.67 5.61
C GLN B 253 -22.25 8.09 5.46
N PRO B 254 -21.74 7.41 6.50
CA PRO B 254 -20.38 6.85 6.41
C PRO B 254 -20.33 5.52 5.66
N ASN B 255 -19.28 5.35 4.87
CA ASN B 255 -18.78 4.03 4.55
C ASN B 255 -17.73 3.71 5.59
N PHE B 256 -17.85 2.56 6.28
CA PHE B 256 -17.09 2.42 7.50
C PHE B 256 -16.41 1.06 7.57
N LEU B 257 -15.35 0.99 8.38
CA LEU B 257 -14.66 -0.27 8.67
C LEU B 257 -15.35 -0.98 9.83
N ALA B 258 -15.78 -2.23 9.61
CA ALA B 258 -16.41 -3.09 10.61
C ALA B 258 -15.44 -4.21 10.99
N VAL B 259 -15.64 -4.78 12.19
CA VAL B 259 -14.76 -5.85 12.69
C VAL B 259 -15.62 -6.84 13.46
N ARG B 260 -15.23 -8.12 13.46
CA ARG B 260 -15.92 -9.09 14.29
C ARG B 260 -15.72 -8.75 15.76
N THR B 261 -16.73 -9.06 16.57
CA THR B 261 -16.67 -8.73 17.98
CA THR B 261 -16.68 -8.76 17.99
C THR B 261 -15.52 -9.44 18.70
N ASP B 262 -15.14 -10.65 18.24
CA ASP B 262 -14.16 -11.46 18.94
C ASP B 262 -12.71 -11.19 18.52
N ILE B 263 -12.45 -10.17 17.69
CA ILE B 263 -11.05 -9.84 17.37
C ILE B 263 -10.41 -9.17 18.57
N SER B 264 -9.12 -9.45 18.76
CA SER B 264 -8.31 -8.92 19.86
C SER B 264 -8.52 -7.42 20.06
N GLU B 265 -8.78 -7.03 21.31
CA GLU B 265 -8.91 -5.61 21.63
C GLU B 265 -7.60 -4.85 21.37
N GLU B 266 -6.46 -5.48 21.68
CA GLU B 266 -5.18 -4.81 21.45
C GLU B 266 -4.92 -4.61 19.97
N ASP B 267 -5.28 -5.58 19.12
CA ASP B 267 -5.05 -5.40 17.69
C ASP B 267 -5.95 -4.29 17.12
N VAL B 268 -7.21 -4.27 17.51
CA VAL B 268 -8.11 -3.24 16.96
C VAL B 268 -7.68 -1.85 17.44
N TYR B 269 -7.19 -1.77 18.67
CA TYR B 269 -6.64 -0.52 19.18
C TYR B 269 -5.44 -0.06 18.36
N GLN B 270 -4.49 -0.96 18.09
CA GLN B 270 -3.30 -0.56 17.35
C GLN B 270 -3.67 -0.16 15.92
N LEU B 271 -4.64 -0.85 15.33
CA LEU B 271 -5.09 -0.52 13.98
C LEU B 271 -5.73 0.86 13.95
N THR B 272 -6.60 1.14 14.93
CA THR B 272 -7.29 2.42 14.94
C THR B 272 -6.29 3.56 15.13
N LYS B 273 -5.37 3.39 16.07
CA LYS B 273 -4.32 4.39 16.32
C LYS B 273 -3.48 4.61 15.07
N ALA B 274 -3.07 3.52 14.40
CA ALA B 274 -2.22 3.66 13.21
C ALA B 274 -2.95 4.39 12.09
N MET B 275 -4.23 4.10 11.90
CA MET B 275 -5.00 4.84 10.89
C MET B 275 -4.92 6.34 11.15
N TYR B 276 -5.20 6.77 12.38
CA TYR B 276 -5.29 8.20 12.65
C TYR B 276 -3.93 8.85 12.80
N GLU B 277 -2.88 8.07 13.01
CA GLU B 277 -1.53 8.63 13.00
C GLU B 277 -0.88 8.61 11.62
N ASN B 278 -1.55 8.05 10.62
CA ASN B 278 -0.95 7.90 9.29
C ASN B 278 -1.98 8.22 8.21
N LEU B 279 -2.78 9.28 8.40
CA LEU B 279 -3.81 9.58 7.40
C LEU B 279 -3.20 9.94 6.06
N ALA B 280 -2.07 10.65 6.06
CA ALA B 280 -1.44 10.99 4.79
C ALA B 280 -1.02 9.74 4.03
N PHE B 281 -0.56 8.71 4.76
CA PHE B 281 -0.18 7.43 4.15
C PHE B 281 -1.37 6.82 3.42
N LEU B 282 -2.55 6.79 4.06
CA LEU B 282 -3.75 6.28 3.43
C LEU B 282 -4.16 7.14 2.25
N GLN B 283 -4.12 8.46 2.42
CA GLN B 283 -4.56 9.38 1.37
C GLN B 283 -3.67 9.30 0.14
N GLY B 284 -2.39 8.96 0.33
CA GLY B 284 -1.48 8.77 -0.79
C GLY B 284 -1.76 7.51 -1.60
N ILE B 285 -2.49 6.58 -1.04
CA ILE B 285 -2.83 5.36 -1.77
C ILE B 285 -4.19 5.50 -2.47
N HIS B 286 -5.20 6.00 -1.79
CA HIS B 286 -6.46 6.30 -2.45
C HIS B 286 -7.11 7.56 -1.87
N LYS B 287 -7.44 8.51 -2.76
CA LYS B 287 -7.93 9.83 -2.33
C LYS B 287 -9.26 9.81 -1.62
N ALA B 288 -10.03 8.72 -1.66
CA ALA B 288 -11.31 8.73 -0.93
C ALA B 288 -11.08 8.99 0.56
N THR B 289 -9.97 8.52 1.10
CA THR B 289 -9.72 8.70 2.53
C THR B 289 -9.30 10.12 2.88
N LYS B 290 -9.24 11.05 1.91
CA LYS B 290 -9.09 12.45 2.29
C LYS B 290 -10.27 12.90 3.13
N ASP B 291 -11.39 12.15 3.08
CA ASP B 291 -12.57 12.42 3.91
CA ASP B 291 -12.54 12.48 3.91
C ASP B 291 -12.34 12.15 5.38
N MET B 292 -11.34 11.32 5.72
CA MET B 292 -11.15 10.89 7.11
C MET B 292 -10.59 12.03 7.95
N ALA B 293 -11.03 12.10 9.21
CA ALA B 293 -10.48 13.04 10.19
C ALA B 293 -10.93 12.57 11.55
N ILE B 294 -10.08 12.79 12.55
CA ILE B 294 -10.39 12.26 13.88
C ILE B 294 -11.73 12.81 14.38
N GLU B 295 -12.07 14.06 14.03
CA GLU B 295 -13.34 14.65 14.47
C GLU B 295 -14.56 14.00 13.81
N LYS B 296 -14.38 13.33 12.67
CA LYS B 296 -15.48 12.70 11.96
C LYS B 296 -15.43 11.17 12.03
N ALA B 297 -14.55 10.63 12.87
CA ALA B 297 -14.23 9.19 12.87
C ALA B 297 -15.46 8.35 13.15
N ILE B 298 -16.38 8.84 13.99
CA ILE B 298 -17.48 7.99 14.38
C ILE B 298 -18.84 8.60 14.03
N GLU B 299 -18.84 9.67 13.23
CA GLU B 299 -20.10 10.33 12.84
C GLU B 299 -20.99 9.41 12.01
N GLY B 300 -22.23 9.21 12.46
CA GLY B 300 -23.17 8.37 11.73
C GLY B 300 -22.89 6.87 11.76
N LEU B 301 -21.94 6.40 12.58
CA LEU B 301 -21.71 4.96 12.62
C LEU B 301 -22.96 4.23 13.11
N PRO B 302 -23.34 3.12 12.47
CA PRO B 302 -24.64 2.50 12.72
C PRO B 302 -24.63 1.39 13.74
N MET B 303 -23.48 1.04 14.32
CA MET B 303 -23.43 -0.01 15.32
C MET B 303 -22.34 0.34 16.31
N PRO B 304 -22.38 -0.20 17.51
CA PRO B 304 -21.41 0.20 18.53
C PRO B 304 -19.96 -0.10 18.14
N LEU B 305 -19.08 0.76 18.65
CA LEU B 305 -17.63 0.59 18.48
C LEU B 305 -17.10 -0.67 19.13
N HIS B 306 -16.16 -1.34 18.44
CA HIS B 306 -15.34 -2.35 19.10
C HIS B 306 -14.58 -1.70 20.24
N ALA B 307 -14.40 -2.45 21.33
CA ALA B 307 -13.71 -1.90 22.50
C ALA B 307 -12.32 -1.32 22.16
N GLY B 308 -11.58 -1.95 21.25
CA GLY B 308 -10.25 -1.46 20.94
C GLY B 308 -10.28 -0.11 20.24
N ALA B 309 -11.27 0.09 19.36
CA ALA B 309 -11.42 1.38 18.70
C ALA B 309 -11.84 2.45 19.71
N ALA B 310 -12.75 2.12 20.62
CA ALA B 310 -13.19 3.12 21.60
C ALA B 310 -12.05 3.54 22.51
N ARG B 311 -11.16 2.59 22.86
CA ARG B 311 -10.01 2.93 23.69
C ARG B 311 -9.17 4.03 23.06
N TYR B 312 -8.88 3.92 21.76
CA TYR B 312 -8.12 4.98 21.11
C TYR B 312 -8.88 6.31 21.09
N TYR B 313 -10.16 6.27 20.71
CA TYR B 313 -10.91 7.53 20.61
C TYR B 313 -10.97 8.23 21.96
N GLN B 314 -11.14 7.47 23.03
CA GLN B 314 -11.12 8.08 24.37
C GLN B 314 -9.76 8.65 24.71
N GLU B 315 -8.69 7.96 24.28
CA GLU B 315 -7.34 8.43 24.54
C GLU B 315 -7.05 9.78 23.89
N VAL B 316 -7.55 10.02 22.67
CA VAL B 316 -7.36 11.31 22.04
C VAL B 316 -8.50 12.27 22.36
N GLY B 317 -9.49 11.82 23.11
CA GLY B 317 -10.45 12.75 23.66
C GLY B 317 -11.62 13.14 22.81
N ILE B 318 -12.04 12.34 21.84
CA ILE B 318 -13.21 12.74 21.07
C ILE B 318 -14.44 12.21 21.78
N LYS B 319 -15.58 12.89 21.55
CA LYS B 319 -16.84 12.49 22.16
C LYS B 319 -17.32 11.16 21.57
N ILE B 320 -17.67 10.21 22.42
CA ILE B 320 -18.30 8.97 21.94
C ILE B 320 -19.77 9.03 22.35
N PRO B 321 -20.68 9.21 21.41
CA PRO B 321 -22.12 9.14 21.74
C PRO B 321 -22.42 7.89 22.53
N ALA B 322 -23.35 8.02 23.47
CA ALA B 322 -23.66 6.88 24.35
C ALA B 322 -24.06 5.63 23.56
N HIS B 323 -24.82 5.80 22.47
CA HIS B 323 -25.30 4.64 21.73
C HIS B 323 -24.19 3.93 20.96
N LEU B 324 -23.00 4.54 20.84
CA LEU B 324 -21.88 3.91 20.15
C LEU B 324 -20.88 3.31 21.10
N MET B 325 -21.14 3.38 22.40
CA MET B 325 -20.18 2.84 23.37
C MET B 325 -20.14 1.32 23.24
N PRO B 326 -18.96 0.71 23.48
CA PRO B 326 -18.83 -0.73 23.27
C PRO B 326 -19.82 -1.50 24.12
N GLN B 327 -20.25 -2.63 23.59
CA GLN B 327 -21.15 -3.50 24.34
C GLN B 327 -20.96 -4.97 23.93
C1 GOL C . 14.50 -10.60 6.19
O1 GOL C . 15.02 -11.84 5.80
C2 GOL C . 15.42 -9.45 5.88
O2 GOL C . 15.46 -8.71 7.09
C3 GOL C . 14.87 -8.59 4.75
O3 GOL C . 15.61 -7.38 4.69
C1 GOL D . 26.34 -13.83 -13.94
O1 GOL D . 27.09 -14.42 -15.00
C2 GOL D . 26.09 -12.38 -14.34
O2 GOL D . 27.26 -11.91 -15.00
C3 GOL D . 25.83 -11.54 -13.10
O3 GOL D . 26.48 -10.27 -13.25
C1 GOL E . 19.43 -7.65 13.69
O1 GOL E . 20.05 -7.68 12.42
C2 GOL E . 20.18 -6.67 14.58
O2 GOL E . 19.58 -5.40 14.46
C3 GOL E . 20.25 -7.14 16.04
O3 GOL E . 21.52 -7.70 16.27
S SO4 F . -7.29 -10.06 -20.34
O1 SO4 F . -8.47 -9.25 -20.79
O2 SO4 F . -7.73 -11.00 -19.25
O3 SO4 F . -6.73 -10.85 -21.49
O4 SO4 F . -6.22 -9.14 -19.83
S SO4 G . 25.06 -16.32 -22.81
O1 SO4 G . 24.83 -14.90 -23.24
O2 SO4 G . 23.74 -17.04 -22.71
O3 SO4 G . 25.91 -17.03 -23.83
O4 SO4 G . 25.77 -16.32 -21.49
S SO4 H . 28.25 -5.51 -22.41
O1 SO4 H . 26.79 -5.42 -22.22
O2 SO4 H . 28.68 -6.96 -22.33
O3 SO4 H . 28.95 -4.70 -21.37
O4 SO4 H . 28.57 -4.99 -23.77
C1 GOL I . -7.98 -17.27 11.37
O1 GOL I . -9.35 -17.46 11.08
C2 GOL I . -7.61 -15.80 11.21
O2 GOL I . -7.71 -15.45 9.84
C3 GOL I . -6.21 -15.54 11.77
O3 GOL I . -6.25 -15.51 13.18
C1 GOL J . -18.33 0.87 -5.82
O1 GOL J . -17.52 1.52 -4.88
C2 GOL J . -18.27 -0.53 -5.32
O2 GOL J . -17.19 -0.41 -4.44
C3 GOL J . -17.98 -1.50 -6.46
O3 GOL J . -18.37 -2.81 -6.12
C1 GOL K . -29.68 0.58 14.26
O1 GOL K . -30.46 0.34 15.41
C2 GOL K . -29.18 1.99 14.47
O2 GOL K . -28.57 2.04 15.73
C3 GOL K . -28.22 2.43 13.38
O3 GOL K . -28.13 3.86 13.47
C1 GOL L . -21.10 3.17 -15.38
O1 GOL L . -22.44 3.56 -15.58
C2 GOL L . -20.63 3.70 -14.05
O2 GOL L . -19.50 4.52 -14.21
C3 GOL L . -20.43 2.59 -13.03
O3 GOL L . -21.07 3.00 -11.83
C1 GOL M . -26.64 9.69 22.68
O1 GOL M . -26.42 8.48 21.98
C2 GOL M . -25.51 10.66 22.41
O2 GOL M . -25.97 11.70 21.59
C3 GOL M . -24.85 11.17 23.68
O3 GOL M . -24.88 12.59 23.69
C1 GOL N . -47.56 5.50 -4.06
O1 GOL N . -47.95 4.27 -3.47
C2 GOL N . -47.56 6.65 -3.07
O2 GOL N . -46.85 6.31 -1.90
C3 GOL N . -46.95 7.86 -3.74
O3 GOL N . -45.58 7.56 -3.90
S SO4 O . -29.21 -0.73 21.76
O1 SO4 O . -30.13 0.45 21.91
O2 SO4 O . -30.02 -1.94 21.43
O3 SO4 O . -28.20 -0.43 20.69
O4 SO4 O . -28.47 -0.96 23.05
#